data_7ST5
#
_entry.id   7ST5
#
_cell.length_a   42.957
_cell.length_b   97.704
_cell.length_c   103.385
_cell.angle_alpha   77.180
_cell.angle_beta   85.920
_cell.angle_gamma   85.740
#
_symmetry.space_group_name_H-M   'P 1'
#
loop_
_entity.id
_entity.type
_entity.pdbx_description
1 polymer 'Fab CC-95251 anti-SIRP-alpha heavy chain'
2 polymer 'Fab CC-95251 anti-SIRP-alpha light chain'
3 polymer 'Tyrosine-protein phosphatase non-receptor type substrate 1'
4 non-polymer 1,2-ETHANEDIOL
5 non-polymer GLYCEROL
6 water water
#
loop_
_entity_poly.entity_id
_entity_poly.type
_entity_poly.pdbx_seq_one_letter_code
_entity_poly.pdbx_strand_id
1 'polypeptide(L)'
;QVQLVQSGAEVKKPGASVKVSCKASGYTFRGYGISWVRQAPGQGLEWMGWISAYGGETNYAQKLQGRVTMTTDTSTSTAY
MELRSLRSDDTAVYYCAREAGSSWYDFDLWGRGTLVTVSSASTKGPSVFPLAPSSKSTSGGTAALGCLVKDYFPEPVTVS
WNSGALTSGVHTFPAVLQSSGLYSLSSVVTVPSSSLGTQTYICNVNHKPSNTKVDKKVEPKSCDKTH
;
H,h
2 'polypeptide(L)'
;DIQMTQSPSSVSASVGDRVTITCRASQGISSWLAWYQQKPGKAPKLLIYAASNLQSGVPSRFSGSGSGTDFTLTISSLQP
EDFATYYCQQGASFPITFGGGTKVEIKRTVAAPSVFIFPPSDEQLKSGTASVVCLLNNFYPREAKVQWKVDNALQSGNSQ
ESVTEQDSKDSTYSLSSTLTLSKADYEKHKVYACEVTHQGLSSPVTKSFNRGEC
;
L,l
3 'polypeptide(L)'
;EEELQVIQPDKSVLVAAGETATLRCTATSLIPVGPIQWFRGAGPGRELIYNQKEGHFPRVTTVSDLTKRNNMDFSIRIGN
ITPADAGTYYCVKFRKGSPDDVEFKSGAGTELSVRAKPSSGLVPR
;
F,A
#
# COMPACT_ATOMS: atom_id res chain seq x y z
N VAL A 2 -1.80 -0.53 3.92
CA VAL A 2 -1.64 -0.01 5.34
C VAL A 2 -2.32 -0.93 6.35
N GLN A 3 -1.54 -1.74 7.03
CA GLN A 3 -2.10 -2.73 7.94
C GLN A 3 -1.09 -3.18 8.99
N LEU A 4 -1.61 -3.81 10.03
CA LEU A 4 -0.85 -4.53 11.04
C LEU A 4 -1.40 -5.94 11.11
N VAL A 5 -0.53 -6.94 10.88
CA VAL A 5 -0.93 -8.33 10.82
C VAL A 5 -0.27 -9.03 12.01
N GLN A 6 -1.10 -9.56 12.93
CA GLN A 6 -0.70 -10.17 14.16
C GLN A 6 -0.50 -11.70 14.05
N SER A 7 0.35 -12.27 14.89
CA SER A 7 0.53 -13.70 14.95
C SER A 7 -0.81 -14.32 15.43
N GLY A 8 -0.92 -15.65 15.29
CA GLY A 8 -2.03 -16.46 15.76
C GLY A 8 -2.31 -16.69 17.24
N ALA A 9 -3.46 -17.31 17.48
CA ALA A 9 -3.90 -17.55 18.85
C ALA A 9 -2.88 -18.41 19.59
N GLU A 10 -2.59 -18.04 20.84
CA GLU A 10 -1.74 -18.80 21.74
C GLU A 10 -2.58 -19.41 22.89
N VAL A 11 -2.08 -20.54 23.36
CA VAL A 11 -2.59 -21.29 24.53
C VAL A 11 -1.38 -21.64 25.41
N LYS A 12 -1.33 -21.05 26.60
CA LYS A 12 -0.22 -21.12 27.51
C LYS A 12 -0.67 -21.67 28.84
N LYS A 13 0.28 -22.20 29.61
CA LYS A 13 0.09 -22.67 30.97
C LYS A 13 0.51 -21.55 31.93
N PRO A 14 -0.12 -21.47 33.12
CA PRO A 14 0.32 -20.49 34.12
C PRO A 14 1.84 -20.58 34.36
N GLY A 15 2.46 -19.45 34.69
CA GLY A 15 3.89 -19.36 34.83
C GLY A 15 4.67 -19.32 33.51
N ALA A 16 4.07 -19.77 32.39
CA ALA A 16 4.77 -19.67 31.07
C ALA A 16 4.88 -18.26 30.52
N SER A 17 5.37 -18.16 29.29
CA SER A 17 5.67 -16.89 28.66
C SER A 17 5.01 -16.86 27.29
N VAL A 18 4.63 -15.67 26.85
CA VAL A 18 4.14 -15.57 25.49
C VAL A 18 4.81 -14.44 24.76
N LYS A 19 4.99 -14.60 23.47
CA LYS A 19 5.51 -13.54 22.64
C LYS A 19 4.62 -13.34 21.42
N VAL A 20 4.05 -12.15 21.26
CA VAL A 20 3.11 -11.88 20.12
C VAL A 20 3.82 -10.92 19.22
N SER A 21 3.69 -11.18 17.94
CA SER A 21 4.26 -10.35 16.94
C SER A 21 3.20 -9.59 16.10
N CYS A 22 3.68 -8.55 15.44
CA CYS A 22 2.83 -7.67 14.71
C CYS A 22 3.63 -7.03 13.60
N LYS A 23 3.27 -7.37 12.36
CA LYS A 23 4.01 -6.92 11.18
C LYS A 23 3.26 -5.81 10.54
N ALA A 24 3.98 -4.72 10.32
CA ALA A 24 3.43 -3.54 9.70
C ALA A 24 3.79 -3.52 8.23
N SER A 25 2.90 -3.02 7.40
CA SER A 25 3.23 -2.76 6.01
C SER A 25 2.46 -1.54 5.52
N GLY A 26 2.95 -0.94 4.45
CA GLY A 26 2.20 0.13 3.77
C GLY A 26 2.42 1.52 4.37
N TYR A 27 3.41 1.64 5.25
CA TYR A 27 3.77 2.94 5.80
C TYR A 27 5.19 2.90 6.37
N THR A 28 5.74 4.07 6.66
CA THR A 28 7.10 4.11 7.27
C THR A 28 7.05 3.77 8.79
N PHE A 29 7.25 2.50 9.09
CA PHE A 29 7.19 1.89 10.43
C PHE A 29 7.88 2.72 11.51
N ARG A 30 9.10 3.15 11.21
CA ARG A 30 9.98 3.87 12.14
C ARG A 30 9.49 5.24 12.43
N GLY A 31 8.58 5.75 11.66
CA GLY A 31 8.04 7.07 11.94
C GLY A 31 7.16 7.18 13.17
N TYR A 32 6.68 6.06 13.69
CA TYR A 32 5.59 6.10 14.59
C TYR A 32 5.89 5.23 15.81
N GLY A 33 5.00 5.26 16.78
CA GLY A 33 5.07 4.33 17.88
C GLY A 33 4.22 3.14 17.62
N ILE A 34 4.28 2.21 18.57
CA ILE A 34 3.46 1.04 18.65
C ILE A 34 3.04 0.89 20.05
N SER A 35 1.75 0.61 20.26
CA SER A 35 1.23 0.25 21.57
C SER A 35 0.51 -1.06 21.51
N TRP A 36 0.42 -1.66 22.67
CA TRP A 36 -0.31 -2.88 22.88
C TRP A 36 -1.40 -2.57 23.84
N VAL A 37 -2.59 -3.07 23.45
CA VAL A 37 -3.81 -2.92 24.26
C VAL A 37 -4.49 -4.29 24.34
N ARG A 38 -4.96 -4.67 25.51
CA ARG A 38 -5.61 -5.95 25.59
C ARG A 38 -7.01 -5.82 26.13
N GLN A 39 -7.81 -6.84 25.87
CA GLN A 39 -9.19 -6.82 26.33
C GLN A 39 -9.60 -8.19 26.80
N ALA A 40 -9.83 -8.34 28.09
CA ALA A 40 -10.22 -9.68 28.65
C ALA A 40 -11.72 -9.88 28.23
N PRO A 41 -12.22 -11.15 28.28
CA PRO A 41 -13.54 -11.43 27.70
C PRO A 41 -14.64 -10.66 28.43
N GLY A 42 -15.48 -9.93 27.67
CA GLY A 42 -16.52 -9.11 28.22
C GLY A 42 -16.08 -7.82 28.88
N GLN A 43 -14.81 -7.42 28.70
CA GLN A 43 -14.27 -6.25 29.44
C GLN A 43 -13.93 -5.11 28.49
N GLY A 44 -13.47 -4.03 29.08
CA GLY A 44 -12.93 -2.91 28.37
C GLY A 44 -11.48 -3.05 27.98
N LEU A 45 -10.98 -1.94 27.48
CA LEU A 45 -9.68 -1.87 26.89
C LEU A 45 -8.70 -1.51 28.02
N GLU A 46 -7.53 -2.18 28.01
CA GLU A 46 -6.45 -1.93 29.00
C GLU A 46 -5.15 -1.71 28.22
N TRP A 47 -4.64 -0.51 28.37
CA TRP A 47 -3.36 -0.18 27.81
C TRP A 47 -2.19 -0.92 28.50
N MET A 48 -1.31 -1.56 27.75
CA MET A 48 -0.15 -2.25 28.33
C MET A 48 1.15 -1.46 28.23
N GLY A 49 1.38 -0.83 27.09
CA GLY A 49 2.59 -0.08 26.94
C GLY A 49 2.75 0.43 25.53
N TRP A 50 3.82 1.19 25.33
CA TRP A 50 4.16 1.86 24.09
C TRP A 50 5.65 1.69 23.80
N ILE A 51 6.01 1.63 22.52
CA ILE A 51 7.42 1.62 22.13
C ILE A 51 7.62 2.53 20.92
N SER A 52 8.69 3.36 20.95
CA SER A 52 9.12 4.18 19.79
C SER A 52 9.67 3.21 18.79
N ALA A 53 9.12 3.18 17.59
CA ALA A 53 9.74 2.43 16.55
C ALA A 53 11.07 3.09 16.02
N TYR A 54 11.34 4.37 16.33
CA TYR A 54 12.52 5.09 15.87
C TYR A 54 13.71 4.77 16.80
N GLY A 55 13.55 4.96 18.12
CA GLY A 55 14.63 4.76 19.07
C GLY A 55 14.47 3.70 20.13
N GLY A 56 13.39 2.91 20.12
CA GLY A 56 13.23 1.84 21.09
C GLY A 56 12.96 2.23 22.53
N GLU A 57 12.72 3.51 22.80
CA GLU A 57 12.29 3.91 24.14
C GLU A 57 10.91 3.27 24.42
N THR A 58 10.71 2.82 25.68
CA THR A 58 9.47 2.20 26.06
C THR A 58 8.86 2.84 27.29
N ASN A 59 7.59 2.55 27.50
CA ASN A 59 6.84 2.95 28.70
C ASN A 59 5.81 1.88 28.89
N TYR A 60 5.77 1.26 30.08
CA TYR A 60 4.86 0.17 30.33
C TYR A 60 3.92 0.51 31.45
N ALA A 61 2.72 -0.06 31.45
CA ALA A 61 1.80 0.19 32.53
C ALA A 61 2.36 -0.37 33.83
N GLN A 62 2.12 0.34 34.93
CA GLN A 62 2.73 -0.01 36.22
C GLN A 62 2.49 -1.46 36.58
N LYS A 63 1.25 -1.85 36.47
CA LYS A 63 0.80 -3.20 36.74
C LYS A 63 1.63 -4.28 36.06
N LEU A 64 2.14 -4.03 34.87
CA LEU A 64 2.87 -5.02 34.11
C LEU A 64 4.44 -4.86 34.13
N GLN A 65 4.94 -3.74 34.60
CA GLN A 65 6.40 -3.55 34.77
C GLN A 65 7.01 -4.79 35.46
N GLY A 66 7.97 -5.38 34.77
CA GLY A 66 8.73 -6.50 35.28
C GLY A 66 8.37 -7.76 34.58
N ARG A 67 7.15 -7.88 34.05
CA ARG A 67 6.73 -9.09 33.35
C ARG A 67 6.64 -8.85 31.88
N VAL A 68 6.64 -7.61 31.44
CA VAL A 68 6.38 -7.37 30.00
C VAL A 68 7.63 -6.81 29.30
N THR A 69 7.84 -7.21 28.08
CA THR A 69 8.88 -6.62 27.28
C THR A 69 8.41 -6.36 25.86
N MET A 70 8.54 -5.13 25.40
CA MET A 70 8.21 -4.84 24.00
C MET A 70 9.41 -4.52 23.19
N THR A 71 9.55 -5.15 22.03
CA THR A 71 10.61 -4.81 21.13
C THR A 71 10.13 -4.63 19.73
N THR A 72 10.98 -4.03 18.90
CA THR A 72 10.78 -3.95 17.46
C THR A 72 11.95 -4.55 16.70
N ASP A 73 11.69 -4.99 15.46
CA ASP A 73 12.71 -5.37 14.48
C ASP A 73 12.53 -4.44 13.29
N THR A 74 13.34 -3.40 13.25
CA THR A 74 13.27 -2.46 12.16
C THR A 74 13.55 -3.09 10.80
N SER A 75 14.39 -4.13 10.75
CA SER A 75 14.69 -4.77 9.47
C SER A 75 13.44 -5.34 8.82
N THR A 76 12.47 -5.85 9.60
CA THR A 76 11.24 -6.44 9.08
C THR A 76 9.97 -5.62 9.39
N SER A 77 10.10 -4.45 10.02
CA SER A 77 8.97 -3.65 10.42
C SER A 77 8.01 -4.50 11.31
N THR A 78 8.55 -5.15 12.33
CA THR A 78 7.73 -5.99 13.21
C THR A 78 7.88 -5.49 14.66
N ALA A 79 6.78 -5.59 15.41
CA ALA A 79 6.74 -5.20 16.80
C ALA A 79 6.54 -6.47 17.52
N TYR A 80 7.10 -6.58 18.70
CA TYR A 80 6.92 -7.75 19.52
C TYR A 80 6.56 -7.39 20.93
N MET A 81 5.67 -8.19 21.50
CA MET A 81 5.31 -8.08 22.92
C MET A 81 5.49 -9.43 23.56
N GLU A 82 6.34 -9.46 24.60
CA GLU A 82 6.47 -10.64 25.41
C GLU A 82 5.83 -10.40 26.73
N LEU A 83 5.10 -11.37 27.25
CA LEU A 83 4.63 -11.21 28.60
C LEU A 83 4.92 -12.49 29.41
N ARG A 84 5.49 -12.30 30.60
CA ARG A 84 6.07 -13.40 31.34
C ARG A 84 5.24 -13.71 32.59
N SER A 85 5.46 -14.91 33.16
CA SER A 85 4.81 -15.35 34.39
C SER A 85 3.30 -15.28 34.25
N LEU A 86 2.81 -15.92 33.19
CA LEU A 86 1.41 -15.79 32.80
C LEU A 86 0.45 -16.35 33.86
N ARG A 87 -0.59 -15.58 34.19
CA ARG A 87 -1.68 -16.02 35.06
C ARG A 87 -2.99 -16.05 34.25
N SER A 88 -3.99 -16.74 34.80
CA SER A 88 -5.36 -16.87 34.22
C SER A 88 -5.95 -15.54 33.70
N ASP A 89 -5.78 -14.51 34.51
CA ASP A 89 -6.34 -13.19 34.23
C ASP A 89 -5.54 -12.41 33.19
N ASP A 90 -4.62 -13.06 32.49
CA ASP A 90 -3.99 -12.51 31.33
C ASP A 90 -4.71 -13.01 30.12
N THR A 91 -5.75 -13.82 30.33
CA THR A 91 -6.50 -14.32 29.21
C THR A 91 -7.22 -13.09 28.57
N ALA A 92 -7.07 -12.90 27.27
CA ALA A 92 -7.56 -11.66 26.61
C ALA A 92 -7.16 -11.68 25.20
N VAL A 93 -7.75 -10.76 24.44
CA VAL A 93 -7.32 -10.53 23.06
C VAL A 93 -6.32 -9.40 23.23
N TYR A 94 -5.22 -9.50 22.49
CA TYR A 94 -4.11 -8.58 22.60
C TYR A 94 -4.06 -7.83 21.28
N TYR A 95 -4.21 -6.50 21.31
CA TYR A 95 -4.02 -5.71 20.06
C TYR A 95 -2.73 -4.92 20.00
N CYS A 96 -2.18 -4.90 18.79
CA CYS A 96 -1.13 -4.01 18.29
C CYS A 96 -1.79 -2.78 17.72
N ALA A 97 -1.35 -1.60 18.08
CA ALA A 97 -1.82 -0.39 17.41
C ALA A 97 -0.70 0.61 17.13
N ARG A 98 -0.72 1.15 15.91
CA ARG A 98 0.14 2.28 15.53
C ARG A 98 -0.25 3.48 16.35
N GLU A 99 0.74 4.01 17.05
CA GLU A 99 0.57 5.28 17.78
C GLU A 99 1.09 6.43 16.94
N ALA A 100 0.16 7.30 16.54
CA ALA A 100 0.40 8.25 15.48
C ALA A 100 0.07 9.73 15.78
N GLY A 101 -0.08 10.12 17.02
CA GLY A 101 -0.39 11.52 17.38
C GLY A 101 0.89 12.32 17.30
N SER A 102 0.77 13.61 17.03
CA SER A 102 1.90 14.53 16.87
C SER A 102 2.54 14.89 18.18
N SER A 103 1.74 15.44 19.07
CA SER A 103 2.14 15.80 20.41
C SER A 103 1.04 15.34 21.42
N TRP A 104 0.33 14.28 21.06
CA TRP A 104 -0.56 13.54 21.95
C TRP A 104 -0.39 12.10 21.52
N TYR A 105 -1.08 11.20 22.18
CA TYR A 105 -1.02 9.79 21.87
C TYR A 105 -2.37 9.39 21.41
N ASP A 106 -2.41 8.72 20.28
CA ASP A 106 -3.62 8.02 19.87
C ASP A 106 -3.22 6.91 18.90
N PHE A 107 -4.20 6.08 18.58
CA PHE A 107 -4.05 4.80 17.97
C PHE A 107 -4.97 4.75 16.78
N ASP A 108 -4.43 5.01 15.62
CA ASP A 108 -5.20 5.22 14.39
C ASP A 108 -5.29 4.00 13.48
N LEU A 109 -4.48 3.00 13.76
CA LEU A 109 -4.39 1.77 12.94
C LEU A 109 -4.17 0.67 13.93
N TRP A 110 -4.97 -0.37 13.80
CA TRP A 110 -5.04 -1.46 14.76
C TRP A 110 -4.87 -2.78 14.07
N GLY A 111 -4.15 -3.72 14.72
CA GLY A 111 -4.17 -5.11 14.35
C GLY A 111 -5.54 -5.75 14.62
N ARG A 112 -5.76 -6.97 14.13
CA ARG A 112 -7.05 -7.68 14.33
C ARG A 112 -7.13 -8.37 15.67
N GLY A 113 -6.02 -8.42 16.41
CA GLY A 113 -6.06 -9.01 17.72
C GLY A 113 -5.52 -10.42 17.70
N THR A 114 -4.90 -10.81 18.82
CA THR A 114 -4.44 -12.17 19.09
C THR A 114 -5.02 -12.67 20.39
N LEU A 115 -5.70 -13.80 20.35
CA LEU A 115 -6.22 -14.39 21.61
C LEU A 115 -5.08 -15.13 22.29
N VAL A 116 -4.84 -14.81 23.55
CA VAL A 116 -3.96 -15.57 24.43
C VAL A 116 -4.83 -16.14 25.51
N THR A 117 -4.82 -17.47 25.63
CA THR A 117 -5.54 -18.20 26.70
C THR A 117 -4.51 -18.79 27.66
N VAL A 118 -4.58 -18.40 28.93
CA VAL A 118 -3.69 -18.89 29.94
C VAL A 118 -4.49 -19.77 30.89
N SER A 119 -4.30 -21.09 30.88
CA SER A 119 -4.88 -21.92 31.94
C SER A 119 -4.20 -23.27 32.17
N SER A 120 -4.52 -23.86 33.32
CA SER A 120 -4.00 -25.17 33.76
C SER A 120 -4.49 -26.26 32.86
N ALA A 121 -5.69 -26.08 32.33
CA ALA A 121 -6.34 -27.04 31.50
C ALA A 121 -5.50 -27.40 30.28
N SER A 122 -5.91 -28.46 29.60
CA SER A 122 -5.22 -28.98 28.43
C SER A 122 -6.26 -29.25 27.38
N THR A 123 -5.87 -29.13 26.10
CA THR A 123 -6.79 -29.32 24.98
C THR A 123 -7.77 -30.47 25.25
N LYS A 124 -9.05 -30.22 25.00
CA LYS A 124 -10.09 -31.26 25.15
C LYS A 124 -11.26 -30.89 24.26
N GLY A 125 -11.75 -31.88 23.50
CA GLY A 125 -12.92 -31.68 22.67
C GLY A 125 -14.15 -31.65 23.54
N PRO A 126 -15.27 -31.14 22.99
CA PRO A 126 -16.52 -31.06 23.74
C PRO A 126 -17.28 -32.38 23.75
N SER A 127 -17.97 -32.65 24.87
CA SER A 127 -19.10 -33.61 24.89
C SER A 127 -20.28 -32.78 24.43
N VAL A 128 -21.11 -33.34 23.56
CA VAL A 128 -22.27 -32.62 23.07
C VAL A 128 -23.51 -33.35 23.53
N PHE A 129 -24.38 -32.64 24.25
CA PHE A 129 -25.65 -33.19 24.75
C PHE A 129 -26.81 -32.42 24.16
N PRO A 130 -27.97 -33.08 24.01
CA PRO A 130 -29.15 -32.42 23.50
C PRO A 130 -29.94 -31.71 24.55
N LEU A 131 -30.56 -30.61 24.17
CA LEU A 131 -31.66 -29.98 24.88
C LEU A 131 -32.89 -30.39 24.08
N ALA A 132 -33.49 -31.53 24.47
CA ALA A 132 -34.66 -32.10 23.77
C ALA A 132 -35.88 -31.16 23.78
N PRO A 133 -36.54 -30.99 22.62
CA PRO A 133 -37.65 -30.09 22.28
C PRO A 133 -38.73 -29.91 23.36
N THR A 142 -44.96 -22.26 17.89
CA THR A 142 -43.60 -21.87 18.29
C THR A 142 -43.05 -22.72 19.45
N ALA A 143 -42.24 -23.74 19.13
CA ALA A 143 -41.48 -24.54 20.14
C ALA A 143 -39.98 -24.18 20.11
N ALA A 144 -39.19 -24.72 21.06
CA ALA A 144 -37.73 -24.48 21.16
C ALA A 144 -36.92 -25.73 21.52
N LEU A 145 -35.70 -25.79 21.04
CA LEU A 145 -34.82 -26.95 21.22
C LEU A 145 -33.36 -26.52 21.07
N GLY A 146 -32.42 -27.41 21.30
CA GLY A 146 -31.04 -26.99 21.18
C GLY A 146 -29.98 -27.99 21.51
N CYS A 147 -28.80 -27.46 21.82
CA CYS A 147 -27.58 -28.23 21.86
C CYS A 147 -26.63 -27.62 22.88
N LEU A 148 -26.28 -28.41 23.88
CA LEU A 148 -25.45 -28.03 24.98
C LEU A 148 -24.07 -28.53 24.65
N VAL A 149 -23.13 -27.62 24.40
CA VAL A 149 -21.77 -28.00 24.06
C VAL A 149 -20.97 -27.73 25.30
N LYS A 150 -20.36 -28.77 25.85
CA LYS A 150 -19.92 -28.76 27.22
C LYS A 150 -18.51 -29.29 27.35
N ASP A 151 -17.75 -28.71 28.29
CA ASP A 151 -16.46 -29.21 28.71
C ASP A 151 -15.49 -29.32 27.53
N TYR A 152 -15.27 -28.19 26.86
CA TYR A 152 -14.18 -28.08 25.90
C TYR A 152 -13.16 -27.05 26.34
N PHE A 153 -11.97 -27.17 25.75
CA PHE A 153 -10.92 -26.19 25.91
C PHE A 153 -9.89 -26.33 24.75
N PRO A 154 -9.43 -25.22 24.18
CA PRO A 154 -9.83 -23.85 24.52
C PRO A 154 -10.94 -23.28 23.60
N GLU A 155 -11.27 -22.01 23.79
CA GLU A 155 -12.00 -21.25 22.76
C GLU A 155 -11.22 -21.24 21.42
N PRO A 156 -11.88 -21.31 20.26
CA PRO A 156 -13.36 -21.28 20.12
C PRO A 156 -13.97 -22.59 19.60
N VAL A 157 -15.30 -22.70 19.69
CA VAL A 157 -16.09 -23.79 19.08
C VAL A 157 -17.01 -23.12 18.10
N THR A 158 -17.45 -23.88 17.10
CA THR A 158 -18.51 -23.40 16.20
C THR A 158 -19.67 -24.40 16.05
N VAL A 159 -20.86 -23.85 15.91
CA VAL A 159 -22.11 -24.59 15.89
C VAL A 159 -22.93 -24.17 14.67
N SER A 160 -23.14 -25.12 13.75
CA SER A 160 -24.15 -24.98 12.68
C SER A 160 -25.35 -25.90 12.97
N TRP A 161 -26.49 -25.57 12.37
CA TRP A 161 -27.70 -26.39 12.45
C TRP A 161 -28.10 -26.88 11.05
N ASN A 162 -28.10 -28.20 10.85
CA ASN A 162 -28.36 -28.84 9.55
C ASN A 162 -27.42 -28.33 8.45
N SER A 163 -26.14 -28.22 8.81
CA SER A 163 -25.03 -27.90 7.91
C SER A 163 -25.14 -26.51 7.27
N GLY A 164 -25.56 -25.54 8.08
CA GLY A 164 -25.77 -24.17 7.64
C GLY A 164 -27.17 -23.85 7.12
N ALA A 165 -27.97 -24.88 6.82
CA ALA A 165 -29.29 -24.72 6.19
C ALA A 165 -30.23 -23.91 7.07
N LEU A 166 -30.43 -24.39 8.29
CA LEU A 166 -31.33 -23.74 9.24
C LEU A 166 -30.59 -22.57 9.87
N THR A 167 -31.02 -21.36 9.54
CA THR A 167 -30.42 -20.10 10.02
C THR A 167 -31.34 -19.30 10.96
N SER A 168 -32.61 -19.15 10.59
CA SER A 168 -33.57 -18.23 11.26
C SER A 168 -33.88 -18.63 12.71
N GLY A 169 -34.10 -17.60 13.54
CA GLY A 169 -34.32 -17.75 14.97
C GLY A 169 -33.34 -18.66 15.71
N VAL A 170 -32.08 -18.72 15.26
CA VAL A 170 -31.04 -19.47 15.97
C VAL A 170 -30.28 -18.48 16.87
N HIS A 171 -29.86 -18.97 18.04
CA HIS A 171 -29.17 -18.14 19.02
C HIS A 171 -28.10 -19.01 19.62
N THR A 172 -26.86 -18.80 19.20
CA THR A 172 -25.72 -19.49 19.76
C THR A 172 -25.09 -18.55 20.78
N PHE A 173 -24.94 -19.01 22.00
CA PHE A 173 -24.64 -18.16 23.14
C PHE A 173 -23.15 -18.05 23.35
N PRO A 174 -22.69 -16.91 23.88
CA PRO A 174 -21.30 -16.83 24.30
C PRO A 174 -20.98 -17.91 25.32
N ALA A 175 -19.81 -18.52 25.18
CA ALA A 175 -19.34 -19.51 26.08
C ALA A 175 -19.13 -18.88 27.43
N VAL A 176 -19.23 -19.74 28.45
CA VAL A 176 -19.00 -19.37 29.83
C VAL A 176 -17.85 -20.28 30.23
N LEU A 177 -16.96 -19.76 31.07
CA LEU A 177 -15.80 -20.50 31.55
C LEU A 177 -16.24 -21.07 32.86
N GLN A 178 -16.23 -22.40 32.98
CA GLN A 178 -16.68 -23.08 34.23
C GLN A 178 -15.58 -23.14 35.29
N SER A 179 -16.00 -23.42 36.53
CA SER A 179 -15.04 -23.67 37.62
C SER A 179 -14.04 -24.79 37.29
N SER A 180 -14.37 -25.64 36.33
CA SER A 180 -13.45 -26.69 35.89
C SER A 180 -12.25 -26.18 35.10
N GLY A 181 -12.30 -24.93 34.62
CA GLY A 181 -11.33 -24.43 33.63
C GLY A 181 -11.72 -24.77 32.20
N LEU A 182 -12.92 -25.29 32.00
CA LEU A 182 -13.39 -25.73 30.73
C LEU A 182 -14.63 -24.90 30.44
N TYR A 183 -14.97 -24.83 29.15
CA TYR A 183 -15.95 -23.87 28.61
C TYR A 183 -17.22 -24.60 28.34
N SER A 184 -18.33 -23.88 28.41
CA SER A 184 -19.58 -24.45 27.97
C SER A 184 -20.40 -23.41 27.31
N LEU A 185 -21.10 -23.81 26.25
CA LEU A 185 -22.10 -22.93 25.64
C LEU A 185 -23.30 -23.74 25.23
N SER A 186 -24.38 -23.03 24.96
CA SER A 186 -25.54 -23.67 24.35
C SER A 186 -26.00 -22.96 23.06
N SER A 187 -26.37 -23.72 22.03
CA SER A 187 -27.11 -23.18 20.85
C SER A 187 -28.57 -23.62 20.91
N VAL A 188 -29.47 -22.64 20.95
CA VAL A 188 -30.92 -22.85 20.91
C VAL A 188 -31.45 -22.59 19.50
N VAL A 189 -32.66 -23.08 19.21
CA VAL A 189 -33.34 -22.81 17.93
C VAL A 189 -34.86 -22.90 18.07
N THR A 190 -35.53 -21.79 17.76
CA THR A 190 -36.98 -21.68 17.79
C THR A 190 -37.59 -22.20 16.46
N VAL A 191 -38.04 -23.46 16.44
CA VAL A 191 -38.72 -24.08 15.28
C VAL A 191 -40.25 -24.04 15.42
N PRO A 192 -40.96 -24.09 14.29
CA PRO A 192 -42.42 -24.22 14.30
C PRO A 192 -42.88 -25.57 14.91
N SER A 193 -43.87 -25.51 15.81
CA SER A 193 -44.30 -26.68 16.63
C SER A 193 -44.63 -28.00 15.90
N GLN A 199 -38.60 -31.05 10.22
CA GLN A 199 -37.48 -31.83 9.73
C GLN A 199 -36.79 -32.62 10.86
N THR A 200 -35.70 -33.30 10.51
CA THR A 200 -34.70 -33.78 11.47
C THR A 200 -33.86 -32.56 11.85
N TYR A 201 -33.27 -32.60 13.04
CA TYR A 201 -32.37 -31.55 13.49
C TYR A 201 -31.04 -32.14 13.91
N ILE A 202 -29.96 -31.40 13.62
CA ILE A 202 -28.60 -31.88 13.85
C ILE A 202 -27.62 -30.73 14.07
N CYS A 203 -27.34 -30.40 15.33
CA CYS A 203 -26.29 -29.42 15.63
C CYS A 203 -24.95 -29.98 15.15
N ASN A 204 -24.20 -29.11 14.47
CA ASN A 204 -22.88 -29.43 13.93
C ASN A 204 -21.86 -28.67 14.74
N VAL A 205 -21.17 -29.38 15.60
CA VAL A 205 -20.21 -28.75 16.49
C VAL A 205 -18.81 -28.99 15.90
N ASN A 206 -18.00 -27.93 15.84
CA ASN A 206 -16.62 -28.05 15.39
C ASN A 206 -15.71 -27.36 16.39
N HIS A 207 -14.73 -28.11 16.90
CA HIS A 207 -13.71 -27.58 17.78
C HIS A 207 -12.37 -27.78 17.08
N LYS A 208 -11.94 -26.73 16.38
CA LYS A 208 -10.69 -26.76 15.61
C LYS A 208 -9.52 -27.17 16.49
N PRO A 209 -9.33 -26.51 17.65
CA PRO A 209 -8.08 -26.79 18.41
C PRO A 209 -7.84 -28.26 18.81
N SER A 210 -8.89 -29.07 18.95
CA SER A 210 -8.73 -30.51 19.23
C SER A 210 -8.97 -31.41 18.01
N ASN A 211 -9.01 -30.83 16.81
CA ASN A 211 -9.40 -31.56 15.59
C ASN A 211 -10.73 -32.31 15.73
N THR A 212 -11.61 -31.82 16.61
CA THR A 212 -12.83 -32.53 17.01
C THR A 212 -14.04 -31.87 16.38
N LYS A 213 -14.87 -32.70 15.78
CA LYS A 213 -16.10 -32.27 15.12
C LYS A 213 -17.12 -33.35 15.39
N VAL A 214 -18.27 -32.92 15.92
CA VAL A 214 -19.34 -33.82 16.33
C VAL A 214 -20.60 -33.36 15.61
N ASP A 215 -21.42 -34.32 15.20
CA ASP A 215 -22.78 -34.06 14.68
C ASP A 215 -23.74 -34.87 15.54
N LYS A 216 -24.65 -34.18 16.25
CA LYS A 216 -25.63 -34.83 17.14
C LYS A 216 -27.02 -34.33 16.81
N LYS A 217 -28.01 -35.24 16.84
CA LYS A 217 -29.41 -34.95 16.53
C LYS A 217 -30.26 -34.85 17.79
N VAL A 218 -30.91 -33.71 18.00
CA VAL A 218 -31.82 -33.52 19.14
C VAL A 218 -33.15 -34.18 18.82
N GLU A 219 -33.38 -35.36 19.41
CA GLU A 219 -34.62 -36.16 19.22
C GLU A 219 -35.67 -35.90 20.30
N PRO A 220 -36.97 -35.94 19.92
CA PRO A 220 -38.00 -35.83 20.96
C PRO A 220 -38.11 -37.10 21.81
N ASP B 1 -1.68 8.42 38.12
CA ASP B 1 -2.42 7.89 36.92
C ASP B 1 -3.74 8.63 36.69
N ILE B 2 -3.91 9.16 35.48
CA ILE B 2 -5.10 9.92 35.14
C ILE B 2 -6.25 8.93 34.91
N GLN B 3 -7.26 9.00 35.77
CA GLN B 3 -8.48 8.13 35.70
C GLN B 3 -9.45 8.80 34.79
N MET B 4 -9.98 8.02 33.85
CA MET B 4 -10.99 8.49 32.89
C MET B 4 -12.29 7.87 33.31
N THR B 5 -13.34 8.68 33.41
CA THR B 5 -14.65 8.20 33.87
C THR B 5 -15.68 8.50 32.80
N GLN B 6 -16.31 7.45 32.30
CA GLN B 6 -17.24 7.59 31.20
C GLN B 6 -18.64 7.42 31.71
N SER B 7 -19.54 8.31 31.29
CA SER B 7 -20.95 8.30 31.71
C SER B 7 -21.86 8.54 30.47
N PRO B 8 -23.03 7.92 30.39
CA PRO B 8 -23.42 6.78 31.23
C PRO B 8 -22.71 5.53 30.72
N SER B 9 -22.97 4.39 31.36
CA SER B 9 -22.38 3.11 30.91
C SER B 9 -23.18 2.49 29.74
N SER B 10 -24.47 2.81 29.70
CA SER B 10 -25.35 2.35 28.63
C SER B 10 -26.27 3.46 28.26
N VAL B 11 -26.56 3.57 26.96
CA VAL B 11 -27.52 4.53 26.43
C VAL B 11 -28.36 3.71 25.54
N SER B 12 -29.68 3.97 25.55
CA SER B 12 -30.64 3.31 24.68
C SER B 12 -31.20 4.38 23.76
N ALA B 13 -31.27 4.08 22.47
CA ALA B 13 -31.76 5.06 21.52
C ALA B 13 -32.28 4.45 20.22
N SER B 14 -33.11 5.22 19.57
CA SER B 14 -33.71 4.81 18.32
C SER B 14 -32.94 5.49 17.20
N VAL B 15 -32.99 4.85 16.04
CA VAL B 15 -32.53 5.45 14.78
C VAL B 15 -33.07 6.88 14.63
N GLY B 16 -32.17 7.83 14.42
CA GLY B 16 -32.50 9.24 14.32
C GLY B 16 -32.22 10.06 15.57
N ASP B 17 -32.14 9.43 16.75
CA ASP B 17 -31.87 10.25 17.96
C ASP B 17 -30.51 10.92 17.90
N ARG B 18 -30.36 11.94 18.74
CA ARG B 18 -29.09 12.52 19.10
C ARG B 18 -28.65 11.81 20.40
N VAL B 19 -27.39 11.39 20.46
CA VAL B 19 -26.86 10.79 21.69
C VAL B 19 -25.62 11.51 22.09
N THR B 20 -25.47 11.70 23.39
CA THR B 20 -24.33 12.38 23.92
C THR B 20 -23.73 11.54 25.06
N ILE B 21 -22.40 11.36 25.02
CA ILE B 21 -21.67 10.58 25.97
C ILE B 21 -20.60 11.45 26.54
N THR B 22 -20.24 11.26 27.80
CA THR B 22 -19.32 12.18 28.46
C THR B 22 -18.20 11.37 29.05
N CYS B 23 -17.07 12.05 29.24
CA CYS B 23 -15.86 11.49 29.77
C CYS B 23 -15.33 12.59 30.65
N ARG B 24 -14.90 12.24 31.85
CA ARG B 24 -14.27 13.21 32.77
C ARG B 24 -12.86 12.70 33.15
N ALA B 25 -11.83 13.53 32.95
CA ALA B 25 -10.49 13.23 33.39
C ALA B 25 -10.25 13.61 34.84
N SER B 26 -9.54 12.77 35.59
CA SER B 26 -9.28 13.07 37.00
C SER B 26 -8.38 14.33 37.17
N GLN B 27 -7.66 14.69 36.12
CA GLN B 27 -7.02 15.99 36.03
C GLN B 27 -6.92 16.46 34.58
N GLY B 28 -6.53 17.71 34.41
CA GLY B 28 -6.40 18.37 33.10
C GLY B 28 -5.52 17.60 32.13
N ILE B 29 -6.03 17.40 30.91
CA ILE B 29 -5.29 16.72 29.85
C ILE B 29 -5.35 17.56 28.55
N SER B 30 -5.25 18.88 28.72
CA SER B 30 -5.50 19.87 27.68
C SER B 30 -6.69 19.41 26.85
N SER B 31 -6.55 19.21 25.55
CA SER B 31 -7.67 18.76 24.74
C SER B 31 -7.30 17.37 24.13
N TRP B 32 -6.26 16.72 24.67
CA TRP B 32 -5.78 15.45 24.18
C TRP B 32 -6.62 14.24 24.62
N LEU B 33 -7.81 14.16 24.02
CA LEU B 33 -8.78 13.12 24.28
C LEU B 33 -9.21 12.54 22.94
N ALA B 34 -9.18 11.22 22.83
CA ALA B 34 -9.62 10.49 21.63
C ALA B 34 -10.80 9.64 21.94
N TRP B 35 -11.64 9.38 20.94
CA TRP B 35 -12.80 8.50 21.10
C TRP B 35 -12.69 7.37 20.11
N TYR B 36 -13.00 6.15 20.57
CA TYR B 36 -13.02 4.98 19.72
C TYR B 36 -14.38 4.34 19.71
N GLN B 37 -14.68 3.65 18.64
CA GLN B 37 -15.87 2.84 18.53
C GLN B 37 -15.44 1.42 18.43
N GLN B 38 -16.04 0.51 19.17
CA GLN B 38 -15.79 -0.94 18.94
C GLN B 38 -17.07 -1.71 18.76
N LYS B 39 -17.12 -2.54 17.73
CA LYS B 39 -18.18 -3.50 17.56
C LYS B 39 -17.68 -4.88 17.99
N PRO B 40 -18.60 -5.80 18.34
CA PRO B 40 -18.25 -7.20 18.68
C PRO B 40 -17.36 -7.90 17.64
N GLY B 41 -16.33 -8.58 18.11
CA GLY B 41 -15.31 -9.23 17.21
C GLY B 41 -14.32 -8.35 16.42
N LYS B 42 -14.22 -7.09 16.76
CA LYS B 42 -13.45 -6.16 15.94
C LYS B 42 -12.60 -5.32 16.86
N ALA B 43 -11.50 -4.91 16.31
CA ALA B 43 -10.56 -4.03 16.96
C ALA B 43 -11.24 -2.66 17.15
N PRO B 44 -10.82 -1.90 18.14
CA PRO B 44 -11.46 -0.59 18.23
C PRO B 44 -11.16 0.22 16.99
N LYS B 45 -11.89 1.32 16.77
CA LYS B 45 -11.53 2.20 15.64
C LYS B 45 -11.52 3.65 16.05
N LEU B 46 -10.52 4.40 15.67
CA LEU B 46 -10.43 5.85 16.04
C LEU B 46 -11.43 6.70 15.28
N LEU B 47 -12.29 7.39 16.01
CA LEU B 47 -13.28 8.34 15.38
C LEU B 47 -12.84 9.79 15.48
N ILE B 48 -12.50 10.22 16.69
CA ILE B 48 -12.17 11.60 17.04
C ILE B 48 -10.84 11.65 17.84
N TYR B 49 -9.97 12.60 17.51
CA TYR B 49 -8.77 12.88 18.23
C TYR B 49 -8.71 14.37 18.60
N ALA B 50 -7.81 14.71 19.54
CA ALA B 50 -7.70 16.09 20.12
C ALA B 50 -9.08 16.71 20.40
N ALA B 51 -9.92 15.90 21.09
CA ALA B 51 -11.20 16.32 21.58
C ALA B 51 -12.26 16.50 20.45
N SER B 52 -11.89 17.13 19.32
CA SER B 52 -12.90 17.52 18.30
C SER B 52 -12.54 17.32 16.83
N ASN B 53 -11.35 16.84 16.53
CA ASN B 53 -10.96 16.55 15.16
C ASN B 53 -11.46 15.18 14.71
N LEU B 54 -12.23 15.17 13.62
CA LEU B 54 -12.61 13.93 12.97
C LEU B 54 -11.49 13.33 12.23
N GLN B 55 -11.41 12.00 12.28
CA GLN B 55 -10.48 11.27 11.40
C GLN B 55 -11.13 11.23 10.05
N SER B 56 -10.31 11.28 9.01
CA SER B 56 -10.71 11.19 7.61
C SER B 56 -11.66 10.04 7.38
N GLY B 57 -12.81 10.33 6.76
CA GLY B 57 -13.79 9.26 6.43
C GLY B 57 -14.87 9.03 7.48
N VAL B 58 -14.68 9.54 8.69
CA VAL B 58 -15.65 9.32 9.77
C VAL B 58 -16.84 10.19 9.43
N PRO B 59 -18.05 9.66 9.51
CA PRO B 59 -19.19 10.51 9.16
C PRO B 59 -19.34 11.81 10.03
N SER B 60 -19.90 12.86 9.46
CA SER B 60 -20.15 14.14 10.19
C SER B 60 -21.22 14.03 11.28
N ARG B 61 -21.95 12.92 11.29
CA ARG B 61 -22.80 12.53 12.41
C ARG B 61 -22.17 12.59 13.81
N PHE B 62 -20.85 12.41 13.86
CA PHE B 62 -20.09 12.34 15.08
C PHE B 62 -19.45 13.65 15.26
N SER B 63 -19.31 14.10 16.49
CA SER B 63 -18.50 15.30 16.80
C SER B 63 -18.12 15.30 18.28
N GLY B 64 -17.15 16.11 18.65
CA GLY B 64 -16.65 16.01 20.02
C GLY B 64 -16.30 17.37 20.49
N SER B 65 -16.39 17.58 21.81
CA SER B 65 -16.09 18.86 22.42
C SER B 65 -15.42 18.65 23.78
N GLY B 66 -14.63 19.64 24.21
CA GLY B 66 -14.19 19.79 25.58
C GLY B 66 -12.72 20.17 25.68
N SER B 67 -12.36 20.61 26.86
CA SER B 67 -10.98 20.93 27.18
C SER B 67 -10.83 20.72 28.68
N GLY B 68 -9.58 20.60 29.10
CA GLY B 68 -9.28 20.38 30.51
C GLY B 68 -9.66 18.99 30.99
N THR B 69 -10.81 18.91 31.66
CA THR B 69 -11.28 17.66 32.28
C THR B 69 -12.59 17.08 31.74
N ASP B 70 -13.43 17.87 31.09
CA ASP B 70 -14.78 17.41 30.68
C ASP B 70 -14.92 17.46 29.19
N PHE B 71 -15.45 16.38 28.65
CA PHE B 71 -15.46 16.13 27.23
C PHE B 71 -16.71 15.42 26.84
N THR B 72 -17.05 15.56 25.58
CA THR B 72 -18.30 15.06 25.10
C THR B 72 -18.07 14.53 23.69
N LEU B 73 -18.71 13.41 23.40
CA LEU B 73 -18.89 12.87 22.07
C LEU B 73 -20.37 12.95 21.78
N THR B 74 -20.71 13.49 20.62
CA THR B 74 -22.10 13.52 20.16
C THR B 74 -22.25 12.73 18.88
N ILE B 75 -23.34 11.96 18.80
CA ILE B 75 -23.73 11.27 17.57
C ILE B 75 -25.15 11.73 17.18
N SER B 76 -25.22 12.56 16.14
CA SER B 76 -26.46 13.15 15.68
C SER B 76 -27.04 12.23 14.64
N SER B 77 -28.34 12.01 14.72
CA SER B 77 -29.07 11.18 13.78
C SER B 77 -28.41 9.80 13.68
N LEU B 78 -28.49 9.06 14.78
CA LEU B 78 -27.99 7.68 14.85
C LEU B 78 -28.45 6.79 13.73
N GLN B 79 -27.57 5.96 13.19
CA GLN B 79 -27.93 4.98 12.19
C GLN B 79 -27.57 3.60 12.72
N PRO B 80 -28.18 2.53 12.15
CA PRO B 80 -27.92 1.17 12.61
C PRO B 80 -26.43 0.79 12.78
N GLU B 81 -25.53 1.40 11.99
CA GLU B 81 -24.06 1.21 12.04
C GLU B 81 -23.36 1.88 13.23
N ASP B 82 -24.04 2.80 13.90
CA ASP B 82 -23.49 3.53 15.01
C ASP B 82 -23.79 2.86 16.35
N PHE B 83 -24.46 1.73 16.35
CA PHE B 83 -24.78 1.04 17.58
C PHE B 83 -23.60 0.20 17.97
N ALA B 84 -22.96 0.55 19.08
CA ALA B 84 -21.64 -0.02 19.41
C ALA B 84 -21.24 0.40 20.80
N THR B 85 -20.03 0.01 21.22
CA THR B 85 -19.40 0.59 22.42
C THR B 85 -18.39 1.66 22.08
N TYR B 86 -18.31 2.70 22.86
CA TYR B 86 -17.44 3.80 22.60
C TYR B 86 -16.52 3.97 23.82
N TYR B 87 -15.25 4.17 23.54
CA TYR B 87 -14.24 4.37 24.55
C TYR B 87 -13.59 5.70 24.36
N CYS B 88 -13.44 6.46 25.43
CA CYS B 88 -12.48 7.54 25.49
C CYS B 88 -11.07 7.11 25.98
N GLN B 89 -10.12 7.98 25.65
CA GLN B 89 -8.73 7.70 25.91
C GLN B 89 -7.99 8.96 26.00
N GLN B 90 -7.34 9.13 27.14
CA GLN B 90 -6.43 10.23 27.34
C GLN B 90 -5.06 10.02 26.76
N GLY B 91 -4.57 11.10 26.12
CA GLY B 91 -3.35 11.09 25.35
C GLY B 91 -2.33 12.14 25.74
N ALA B 92 -2.54 12.75 26.91
CA ALA B 92 -1.64 13.74 27.47
C ALA B 92 -0.39 13.18 28.07
N SER B 93 -0.40 11.99 28.64
CA SER B 93 0.77 11.44 29.26
C SER B 93 0.62 9.98 29.61
N PHE B 94 1.75 9.32 29.68
CA PHE B 94 1.85 8.01 30.20
C PHE B 94 1.51 7.96 31.69
N PRO B 95 0.86 6.90 32.16
CA PRO B 95 0.41 5.79 31.32
C PRO B 95 -0.85 6.21 30.61
N ILE B 96 -1.04 5.72 29.41
CA ILE B 96 -2.29 6.01 28.64
C ILE B 96 -3.44 5.29 29.34
N THR B 97 -4.59 5.95 29.47
CA THR B 97 -5.74 5.37 30.14
C THR B 97 -6.99 5.58 29.29
N PHE B 98 -7.86 4.57 29.33
CA PHE B 98 -9.10 4.50 28.61
C PHE B 98 -10.16 4.61 29.64
N GLY B 99 -11.34 5.09 29.25
CA GLY B 99 -12.48 5.06 30.09
C GLY B 99 -13.02 3.67 30.03
N GLY B 100 -14.04 3.41 30.86
CA GLY B 100 -14.68 2.11 30.98
C GLY B 100 -15.61 1.73 29.84
N GLY B 101 -16.02 2.67 29.00
CA GLY B 101 -16.78 2.30 27.81
C GLY B 101 -18.26 2.72 28.04
N THR B 102 -19.00 3.01 26.96
CA THR B 102 -20.41 3.35 27.01
C THR B 102 -21.02 2.56 25.89
N LYS B 103 -21.95 1.67 26.19
CA LYS B 103 -22.59 0.91 25.12
C LYS B 103 -23.85 1.65 24.59
N VAL B 104 -23.97 1.78 23.28
CA VAL B 104 -25.14 2.41 22.65
C VAL B 104 -25.96 1.34 21.97
N GLU B 105 -27.15 1.10 22.50
CA GLU B 105 -28.02 0.05 22.03
C GLU B 105 -29.35 0.64 21.52
N ILE B 106 -30.07 -0.19 20.79
CA ILE B 106 -31.29 0.17 20.08
C ILE B 106 -32.48 0.11 21.03
N LYS B 107 -33.04 1.27 21.34
CA LYS B 107 -34.39 1.35 21.92
C LYS B 107 -35.48 0.72 21.01
N ARG B 108 -36.35 -0.05 21.63
CA ARG B 108 -37.56 -0.56 20.98
C ARG B 108 -38.64 -0.69 22.08
N THR B 109 -39.78 -1.30 21.72
CA THR B 109 -40.89 -1.47 22.67
C THR B 109 -40.53 -2.59 23.61
N VAL B 110 -41.09 -2.53 24.82
CA VAL B 110 -40.95 -3.64 25.77
C VAL B 110 -41.49 -4.93 25.14
N ALA B 111 -40.72 -6.01 25.27
CA ALA B 111 -41.17 -7.33 24.86
C ALA B 111 -40.75 -8.36 25.90
N ALA B 112 -41.69 -9.24 26.25
CA ALA B 112 -41.53 -10.18 27.35
C ALA B 112 -40.83 -11.41 26.82
N PRO B 113 -39.98 -12.04 27.65
CA PRO B 113 -39.29 -13.24 27.18
C PRO B 113 -40.19 -14.45 27.11
N SER B 114 -39.93 -15.32 26.14
CA SER B 114 -40.57 -16.62 26.10
C SER B 114 -39.66 -17.61 26.81
N VAL B 115 -40.15 -18.22 27.88
CA VAL B 115 -39.32 -19.03 28.74
C VAL B 115 -39.50 -20.53 28.47
N PHE B 116 -38.40 -21.28 28.57
CA PHE B 116 -38.34 -22.73 28.37
C PHE B 116 -37.29 -23.25 29.36
N ILE B 117 -37.49 -24.46 29.92
CA ILE B 117 -36.51 -25.15 30.76
C ILE B 117 -36.11 -26.42 30.05
N PHE B 118 -34.97 -27.00 30.40
CA PHE B 118 -34.44 -28.19 29.72
C PHE B 118 -33.76 -29.06 30.75
N PRO B 119 -34.28 -30.28 30.97
CA PRO B 119 -33.61 -31.14 31.92
C PRO B 119 -32.32 -31.67 31.34
N PRO B 120 -31.40 -32.19 32.20
CA PRO B 120 -30.28 -32.96 31.69
C PRO B 120 -30.75 -34.24 31.00
N SER B 121 -29.81 -34.93 30.37
CA SER B 121 -30.14 -36.11 29.61
C SER B 121 -29.30 -37.28 30.09
N ASP B 122 -29.84 -38.49 29.88
CA ASP B 122 -29.27 -39.74 30.40
C ASP B 122 -27.79 -39.87 30.06
N GLU B 123 -27.44 -39.46 28.83
CA GLU B 123 -26.05 -39.42 28.37
C GLU B 123 -25.22 -38.53 29.30
N GLN B 124 -25.70 -37.32 29.56
CA GLN B 124 -24.97 -36.43 30.47
C GLN B 124 -24.87 -37.04 31.86
N LEU B 125 -26.02 -37.48 32.37
CA LEU B 125 -26.13 -38.16 33.68
C LEU B 125 -25.21 -39.35 33.78
N LYS B 126 -25.02 -40.09 32.67
CA LYS B 126 -24.01 -41.16 32.61
C LYS B 126 -22.58 -40.66 32.89
N SER B 127 -22.30 -39.39 32.56
CA SER B 127 -21.00 -38.76 32.88
C SER B 127 -20.76 -38.56 34.37
N GLY B 128 -21.82 -38.20 35.11
CA GLY B 128 -21.73 -37.85 36.55
C GLY B 128 -21.99 -36.38 36.91
N THR B 129 -22.58 -35.65 35.96
CA THR B 129 -22.97 -34.24 36.14
C THR B 129 -24.33 -34.03 35.52
N ALA B 130 -25.02 -32.99 35.97
CA ALA B 130 -26.32 -32.66 35.43
C ALA B 130 -26.45 -31.15 35.19
N SER B 131 -26.93 -30.78 34.01
CA SER B 131 -27.10 -29.40 33.66
C SER B 131 -28.55 -29.19 33.33
N VAL B 132 -29.12 -28.19 33.97
CA VAL B 132 -30.50 -27.83 33.77
C VAL B 132 -30.38 -26.48 33.13
N VAL B 133 -30.97 -26.29 31.96
CA VAL B 133 -30.80 -25.05 31.21
C VAL B 133 -32.12 -24.34 31.11
N CYS B 134 -32.15 -23.05 31.43
CA CYS B 134 -33.31 -22.17 31.22
C CYS B 134 -33.01 -21.16 30.11
N LEU B 135 -33.93 -21.02 29.14
CA LEU B 135 -33.80 -20.11 27.98
C LEU B 135 -34.84 -19.03 28.05
N LEU B 136 -34.39 -17.77 28.14
CA LEU B 136 -35.23 -16.62 27.99
C LEU B 136 -35.02 -16.13 26.58
N ASN B 137 -35.98 -16.38 25.70
CA ASN B 137 -35.86 -16.02 24.29
C ASN B 137 -36.50 -14.68 23.94
N ASN B 138 -35.79 -13.95 23.09
CA ASN B 138 -36.24 -12.73 22.40
C ASN B 138 -36.94 -11.65 23.24
N PHE B 139 -36.23 -11.10 24.22
CA PHE B 139 -36.76 -10.04 25.12
C PHE B 139 -36.13 -8.65 25.00
N TYR B 140 -36.82 -7.65 25.53
CA TYR B 140 -36.31 -6.30 25.63
C TYR B 140 -37.07 -5.62 26.77
N PRO B 141 -36.42 -4.82 27.64
CA PRO B 141 -34.97 -4.50 27.64
C PRO B 141 -34.04 -5.62 28.16
N ARG B 142 -32.73 -5.35 28.26
CA ARG B 142 -31.74 -6.42 28.55
C ARG B 142 -31.91 -6.97 29.97
N GLU B 143 -32.27 -6.09 30.90
CA GLU B 143 -32.45 -6.44 32.31
C GLU B 143 -33.42 -7.64 32.56
N ALA B 144 -32.90 -8.77 33.02
CA ALA B 144 -33.70 -9.94 33.44
C ALA B 144 -33.06 -10.70 34.61
N LYS B 145 -33.79 -10.83 35.72
CA LYS B 145 -33.37 -11.65 36.87
C LYS B 145 -33.90 -13.07 36.67
N VAL B 146 -32.99 -14.04 36.63
CA VAL B 146 -33.34 -15.47 36.61
C VAL B 146 -32.95 -16.06 37.95
N GLN B 147 -33.89 -16.71 38.63
CA GLN B 147 -33.61 -17.36 39.92
C GLN B 147 -33.92 -18.85 39.77
N TRP B 148 -33.00 -19.70 40.21
CA TRP B 148 -33.21 -21.13 40.13
C TRP B 148 -33.75 -21.59 41.48
N LYS B 149 -34.72 -22.52 41.46
CA LYS B 149 -35.31 -23.13 42.70
C LYS B 149 -35.26 -24.66 42.60
N VAL B 150 -34.69 -25.34 43.61
CA VAL B 150 -34.67 -26.84 43.67
C VAL B 150 -35.49 -27.37 44.89
N ASP B 151 -36.64 -27.96 44.60
CA ASP B 151 -37.69 -28.34 45.59
C ASP B 151 -38.14 -27.09 46.37
N ASN B 152 -38.52 -26.06 45.62
CA ASN B 152 -38.89 -24.74 46.14
C ASN B 152 -37.80 -23.95 46.89
N ALA B 153 -36.57 -24.47 46.96
CA ALA B 153 -35.44 -23.75 47.58
C ALA B 153 -34.55 -22.93 46.56
N LEU B 154 -34.42 -21.62 46.80
CA LEU B 154 -33.57 -20.69 46.00
C LEU B 154 -32.11 -21.13 45.94
N GLN B 155 -31.58 -21.22 44.71
CA GLN B 155 -30.19 -21.61 44.45
C GLN B 155 -29.24 -20.40 44.33
N SER B 156 -27.98 -20.58 44.76
CA SER B 156 -27.00 -19.48 44.82
C SER B 156 -25.59 -20.04 44.58
N GLY B 157 -24.85 -19.46 43.62
CA GLY B 157 -23.49 -19.86 43.35
C GLY B 157 -23.25 -21.02 42.39
N ASN B 158 -24.30 -21.65 41.93
CA ASN B 158 -24.22 -22.91 41.19
C ASN B 158 -24.84 -22.81 39.76
N SER B 159 -25.09 -21.56 39.32
CA SER B 159 -25.50 -21.30 37.93
C SER B 159 -24.59 -20.26 37.20
N GLN B 160 -24.48 -20.40 35.89
CA GLN B 160 -23.87 -19.39 35.06
C GLN B 160 -24.78 -19.06 33.91
N GLU B 161 -24.57 -17.86 33.39
CA GLU B 161 -25.49 -17.18 32.53
C GLU B 161 -24.72 -16.43 31.42
N SER B 162 -25.29 -16.45 30.22
CA SER B 162 -24.73 -15.85 29.05
C SER B 162 -25.88 -15.19 28.21
N VAL B 163 -25.60 -14.01 27.63
CA VAL B 163 -26.55 -13.17 26.86
C VAL B 163 -26.05 -13.05 25.42
N THR B 164 -26.96 -13.02 24.45
CA THR B 164 -26.58 -12.78 23.06
C THR B 164 -26.48 -11.27 22.86
N GLU B 165 -25.76 -10.84 21.83
CA GLU B 165 -25.76 -9.42 21.43
C GLU B 165 -27.19 -9.10 20.91
N GLN B 166 -27.62 -7.85 20.99
CA GLN B 166 -28.89 -7.45 20.42
C GLN B 166 -29.08 -7.96 18.99
N ASP B 167 -30.26 -8.50 18.69
CA ASP B 167 -30.51 -9.21 17.44
C ASP B 167 -30.55 -8.26 16.24
N SER B 168 -29.98 -8.70 15.12
CA SER B 168 -30.00 -7.92 13.88
C SER B 168 -31.44 -7.48 13.51
N LYS B 169 -32.34 -8.44 13.32
CA LYS B 169 -33.70 -8.18 12.83
C LYS B 169 -34.62 -7.46 13.83
N ASP B 170 -34.75 -8.00 15.04
CA ASP B 170 -35.77 -7.52 16.01
C ASP B 170 -35.27 -6.64 17.19
N SER B 171 -33.95 -6.46 17.33
CA SER B 171 -33.43 -5.58 18.38
C SER B 171 -33.65 -6.13 19.82
N THR B 172 -33.72 -7.46 19.93
CA THR B 172 -34.06 -8.13 21.18
C THR B 172 -32.89 -9.00 21.62
N TYR B 173 -32.98 -9.46 22.85
CA TYR B 173 -31.96 -10.27 23.48
C TYR B 173 -32.53 -11.61 23.85
N SER B 174 -31.65 -12.61 23.89
CA SER B 174 -31.90 -13.91 24.45
C SER B 174 -30.84 -14.20 25.51
N LEU B 175 -31.18 -15.10 26.43
CA LEU B 175 -30.39 -15.41 27.62
C LEU B 175 -30.54 -16.90 27.91
N SER B 176 -29.41 -17.55 28.15
CA SER B 176 -29.34 -18.89 28.61
C SER B 176 -28.75 -18.85 30.01
N SER B 177 -29.32 -19.66 30.94
CA SER B 177 -28.73 -19.87 32.25
C SER B 177 -28.71 -21.37 32.53
N THR B 178 -27.56 -21.85 33.02
CA THR B 178 -27.29 -23.24 33.29
C THR B 178 -26.99 -23.50 34.78
N LEU B 179 -27.79 -24.37 35.39
CA LEU B 179 -27.60 -24.87 36.76
C LEU B 179 -26.83 -26.17 36.70
N THR B 180 -25.73 -26.25 37.42
CA THR B 180 -24.87 -27.40 37.29
C THR B 180 -24.85 -28.07 38.68
N LEU B 181 -25.17 -29.37 38.70
CA LEU B 181 -25.20 -30.20 39.94
C LEU B 181 -24.46 -31.52 39.74
N SER B 182 -23.93 -32.07 40.82
CA SER B 182 -23.52 -33.48 40.83
C SER B 182 -24.71 -34.38 40.40
N LYS B 183 -24.36 -35.51 39.76
CA LYS B 183 -25.30 -36.61 39.52
C LYS B 183 -25.95 -37.00 40.86
N ALA B 184 -25.11 -37.35 41.83
CA ALA B 184 -25.58 -37.59 43.21
C ALA B 184 -26.67 -36.61 43.65
N ASP B 185 -26.39 -35.29 43.62
CA ASP B 185 -27.37 -34.31 44.18
C ASP B 185 -28.52 -34.03 43.24
N TYR B 186 -28.36 -34.12 41.93
CA TYR B 186 -29.55 -33.99 41.01
C TYR B 186 -30.63 -35.01 41.36
N GLU B 187 -30.19 -36.23 41.65
CA GLU B 187 -31.08 -37.36 41.95
C GLU B 187 -31.62 -37.44 43.39
N LYS B 188 -31.17 -36.56 44.29
CA LYS B 188 -31.73 -36.44 45.66
C LYS B 188 -32.84 -35.38 45.76
N HIS B 189 -33.19 -34.69 44.68
CA HIS B 189 -34.12 -33.56 44.77
C HIS B 189 -35.16 -33.91 43.69
N LYS B 190 -36.32 -33.25 43.64
CA LYS B 190 -37.39 -33.62 42.69
C LYS B 190 -37.86 -32.60 41.65
N VAL B 191 -38.14 -31.38 42.08
CA VAL B 191 -38.73 -30.35 41.20
C VAL B 191 -37.72 -29.24 40.87
N TYR B 192 -37.54 -28.99 39.57
CA TYR B 192 -36.56 -28.01 39.09
C TYR B 192 -37.27 -26.93 38.36
N ALA B 193 -37.10 -25.68 38.83
CA ALA B 193 -37.83 -24.55 38.29
C ALA B 193 -36.93 -23.31 38.10
N CYS B 194 -37.15 -22.56 37.00
CA CYS B 194 -36.52 -21.21 36.83
C CYS B 194 -37.58 -20.13 36.88
N GLU B 195 -37.44 -19.18 37.81
CA GLU B 195 -38.33 -18.01 37.89
C GLU B 195 -37.66 -16.81 37.21
N VAL B 196 -38.41 -16.17 36.31
CA VAL B 196 -37.96 -15.04 35.49
C VAL B 196 -38.70 -13.78 35.89
N THR B 197 -37.94 -12.74 36.25
CA THR B 197 -38.47 -11.41 36.54
C THR B 197 -38.01 -10.51 35.38
N HIS B 198 -38.85 -9.57 34.95
CA HIS B 198 -38.61 -8.74 33.74
C HIS B 198 -39.68 -7.67 33.58
N GLN B 199 -39.30 -6.49 33.08
CA GLN B 199 -40.21 -5.34 32.90
C GLN B 199 -41.46 -5.53 32.00
N GLY B 200 -41.60 -6.68 31.35
CA GLY B 200 -42.71 -6.96 30.42
C GLY B 200 -43.53 -8.17 30.82
N LEU B 201 -43.43 -8.57 32.09
CA LEU B 201 -44.25 -9.62 32.67
C LEU B 201 -44.93 -9.04 33.91
N SER B 202 -46.26 -9.19 33.98
CA SER B 202 -47.03 -8.76 35.17
C SER B 202 -46.53 -9.48 36.43
N SER B 203 -46.55 -10.81 36.39
CA SER B 203 -46.01 -11.66 37.47
C SER B 203 -44.81 -12.47 36.94
N PRO B 204 -43.81 -12.74 37.80
CA PRO B 204 -42.68 -13.63 37.49
C PRO B 204 -43.03 -15.04 36.96
N VAL B 205 -42.90 -15.25 35.65
CA VAL B 205 -43.24 -16.55 35.05
C VAL B 205 -42.26 -17.60 35.54
N THR B 206 -42.75 -18.83 35.77
CA THR B 206 -41.92 -19.96 36.20
C THR B 206 -42.16 -21.12 35.25
N LYS B 207 -41.13 -21.93 35.03
CA LYS B 207 -41.25 -23.15 34.23
C LYS B 207 -40.54 -24.25 34.98
N SER B 208 -41.12 -25.45 35.06
CA SER B 208 -40.57 -26.51 35.91
C SER B 208 -40.61 -27.88 35.28
N PHE B 209 -39.95 -28.85 35.91
CA PHE B 209 -40.19 -30.23 35.61
C PHE B 209 -39.93 -31.05 36.88
N ASN B 210 -40.76 -32.08 37.06
CA ASN B 210 -40.54 -33.07 38.09
C ASN B 210 -39.86 -34.21 37.37
N ARG B 211 -38.96 -34.90 38.03
CA ARG B 211 -38.26 -36.02 37.40
C ARG B 211 -39.19 -37.20 37.18
N GLU C 3 -4.82 23.66 0.83
CA GLU C 3 -4.67 24.50 -0.40
C GLU C 3 -3.38 25.27 -0.26
N LEU C 4 -2.56 25.22 -1.31
CA LEU C 4 -1.34 26.00 -1.41
C LEU C 4 -1.61 27.53 -1.18
N GLN C 5 -0.69 28.16 -0.48
CA GLN C 5 -0.72 29.59 -0.28
C GLN C 5 0.61 30.15 -0.62
N VAL C 6 0.56 31.35 -1.22
CA VAL C 6 1.78 32.10 -1.53
C VAL C 6 1.95 33.15 -0.43
N ILE C 7 2.99 33.02 0.37
CA ILE C 7 3.16 33.86 1.53
C ILE C 7 4.08 35.00 1.17
N GLN C 8 3.46 36.16 0.84
CA GLN C 8 4.20 37.40 0.64
C GLN C 8 4.25 38.16 1.96
N PRO C 9 5.32 37.91 2.79
CA PRO C 9 5.33 38.35 4.17
C PRO C 9 5.34 39.90 4.37
N ASP C 10 5.96 40.64 3.44
CA ASP C 10 6.20 42.08 3.57
C ASP C 10 5.20 42.86 2.74
N LYS C 11 4.46 43.76 3.43
CA LYS C 11 3.55 44.66 2.74
C LYS C 11 4.34 45.75 1.99
N SER C 12 5.62 45.96 2.36
CA SER C 12 6.44 47.09 1.86
C SER C 12 7.92 46.86 2.10
N VAL C 13 8.78 47.33 1.18
CA VAL C 13 10.26 47.29 1.41
C VAL C 13 10.96 48.66 1.24
N GLU C 19 20.96 50.06 -5.20
CA GLU C 19 20.58 49.08 -4.16
C GLU C 19 19.63 47.99 -4.72
N THR C 20 19.75 46.78 -4.15
CA THR C 20 18.94 45.59 -4.54
C THR C 20 17.85 45.21 -3.53
N ALA C 21 16.61 45.56 -3.86
CA ALA C 21 15.42 45.15 -3.13
C ALA C 21 15.14 43.65 -3.26
N THR C 22 14.57 43.09 -2.20
CA THR C 22 14.31 41.66 -2.06
C THR C 22 12.79 41.45 -1.94
N LEU C 23 12.21 40.75 -2.92
CA LEU C 23 10.76 40.56 -2.97
C LEU C 23 10.39 39.12 -2.54
N ARG C 24 9.97 39.01 -1.28
CA ARG C 24 9.89 37.72 -0.60
C ARG C 24 8.62 36.93 -0.88
N CYS C 25 8.87 35.65 -1.16
CA CYS C 25 7.85 34.67 -1.58
C CYS C 25 8.20 33.31 -0.99
N THR C 26 7.15 32.60 -0.61
CA THR C 26 7.28 31.26 -0.01
C THR C 26 5.97 30.57 -0.35
N ALA C 27 6.05 29.33 -0.83
CA ALA C 27 4.85 28.55 -1.10
C ALA C 27 4.69 27.58 0.03
N THR C 28 3.45 27.28 0.38
CA THR C 28 3.16 26.28 1.43
C THR C 28 3.13 24.82 0.91
N SER C 29 3.08 24.65 -0.41
CA SER C 29 2.95 23.32 -1.03
C SER C 29 3.64 23.34 -2.36
N LEU C 30 3.98 22.14 -2.81
CA LEU C 30 4.45 21.90 -4.19
C LEU C 30 3.32 21.66 -5.21
N ILE C 31 2.12 21.33 -4.76
CA ILE C 31 1.05 20.93 -5.68
C ILE C 31 -0.10 21.97 -5.64
N PRO C 32 -0.85 22.14 -6.72
CA PRO C 32 -0.58 21.58 -8.05
C PRO C 32 0.75 22.09 -8.64
N VAL C 33 1.48 21.25 -9.40
CA VAL C 33 2.77 21.64 -9.88
C VAL C 33 2.66 22.77 -10.94
N GLY C 34 3.71 23.54 -11.07
CA GLY C 34 3.71 24.71 -11.99
C GLY C 34 4.69 25.79 -11.54
N PRO C 35 5.13 26.68 -12.47
CA PRO C 35 6.17 27.68 -12.13
C PRO C 35 5.71 28.87 -11.21
N ILE C 36 6.63 29.47 -10.52
CA ILE C 36 6.39 30.79 -9.89
C ILE C 36 6.84 31.99 -10.79
N GLN C 37 5.90 32.91 -11.06
CA GLN C 37 6.14 34.16 -11.88
C GLN C 37 5.88 35.43 -11.01
N TRP C 38 6.56 36.53 -11.34
CA TRP C 38 6.27 37.88 -10.77
C TRP C 38 5.66 38.90 -11.78
N PHE C 39 4.63 39.63 -11.34
CA PHE C 39 4.09 40.78 -12.08
C PHE C 39 4.19 42.05 -11.23
N ARG C 40 4.45 43.19 -11.89
CA ARG C 40 4.28 44.50 -11.26
C ARG C 40 2.84 44.89 -11.59
N GLY C 41 2.02 45.04 -10.56
CA GLY C 41 0.61 45.36 -10.76
C GLY C 41 -0.17 44.13 -11.12
N ALA C 42 -1.43 44.30 -11.54
CA ALA C 42 -2.32 43.16 -11.78
C ALA C 42 -3.38 43.27 -12.85
N GLY C 43 -3.43 44.37 -13.59
CA GLY C 43 -4.50 44.54 -14.57
C GLY C 43 -4.17 43.86 -15.89
N PRO C 44 -4.98 44.11 -16.93
CA PRO C 44 -4.55 43.67 -18.26
C PRO C 44 -3.18 44.23 -18.68
N GLY C 45 -2.72 45.32 -18.04
CA GLY C 45 -1.41 45.89 -18.30
C GLY C 45 -0.25 45.42 -17.42
N ARG C 46 -0.46 44.44 -16.54
CA ARG C 46 0.60 44.04 -15.58
C ARG C 46 1.91 43.64 -16.27
N GLU C 47 3.05 43.87 -15.61
CA GLU C 47 4.39 43.64 -16.21
C GLU C 47 5.24 42.56 -15.57
N LEU C 48 5.52 41.50 -16.36
CA LEU C 48 6.41 40.38 -15.97
C LEU C 48 7.85 40.75 -15.55
N ILE C 49 8.31 40.23 -14.40
CA ILE C 49 9.64 40.52 -13.75
C ILE C 49 10.57 39.34 -13.52
N TYR C 50 10.00 38.17 -13.27
CA TYR C 50 10.74 36.90 -13.27
C TYR C 50 9.81 35.79 -13.73
N ASN C 51 10.43 34.73 -14.22
CA ASN C 51 9.73 33.50 -14.60
C ASN C 51 10.69 32.36 -14.30
N GLN C 52 10.24 31.43 -13.46
CA GLN C 52 11.04 30.26 -13.08
C GLN C 52 11.23 29.34 -14.30
N LYS C 53 10.26 29.30 -15.19
CA LYS C 53 10.19 28.30 -16.27
C LYS C 53 11.10 28.63 -17.47
N GLU C 54 11.19 29.89 -17.86
CA GLU C 54 11.89 30.30 -19.08
C GLU C 54 12.19 31.80 -19.09
N GLY C 55 13.32 32.18 -19.69
CA GLY C 55 13.71 33.58 -19.82
C GLY C 55 15.07 33.90 -19.24
N HIS C 56 15.48 35.14 -19.44
CA HIS C 56 16.75 35.64 -18.95
C HIS C 56 16.38 36.97 -18.30
N PHE C 57 16.75 37.12 -17.03
CA PHE C 57 16.36 38.27 -16.22
C PHE C 57 17.62 38.75 -15.54
N PRO C 58 18.46 39.51 -16.28
CA PRO C 58 19.79 39.86 -15.76
C PRO C 58 19.73 40.75 -14.51
N ARG C 59 18.66 41.52 -14.37
CA ARG C 59 18.43 42.30 -13.16
C ARG C 59 18.14 41.33 -12.00
N VAL C 60 17.14 40.45 -12.19
CA VAL C 60 16.61 39.59 -11.13
C VAL C 60 17.49 38.41 -10.82
N THR C 61 17.52 38.02 -9.54
CA THR C 61 18.27 36.82 -9.05
C THR C 61 17.51 36.11 -7.91
N THR C 62 17.78 34.82 -7.72
CA THR C 62 17.05 34.01 -6.74
C THR C 62 17.95 33.58 -5.57
N VAL C 63 17.38 33.60 -4.37
CA VAL C 63 18.07 33.21 -3.11
C VAL C 63 18.31 31.72 -3.09
N SER C 64 17.28 30.96 -3.42
CA SER C 64 17.37 29.49 -3.48
C SER C 64 17.40 28.99 -4.92
N ASP C 65 18.04 27.84 -5.09
CA ASP C 65 18.08 27.05 -6.33
C ASP C 65 16.67 26.60 -6.70
N LEU C 66 16.02 27.29 -7.62
CA LEU C 66 14.70 26.93 -8.04
C LEU C 66 14.65 25.64 -8.91
N THR C 67 15.80 25.02 -9.19
CA THR C 67 15.83 23.80 -9.98
C THR C 67 15.57 22.52 -9.15
N LYS C 68 15.41 22.67 -7.83
CA LYS C 68 15.19 21.53 -6.94
C LYS C 68 13.70 21.29 -6.79
N ARG C 69 13.30 20.03 -6.98
CA ARG C 69 11.85 19.67 -6.94
C ARG C 69 11.16 20.06 -5.62
N ASN C 70 11.85 19.93 -4.50
CA ASN C 70 11.24 20.15 -3.18
C ASN C 70 11.32 21.60 -2.60
N ASN C 71 11.95 22.52 -3.33
CA ASN C 71 12.09 23.91 -2.96
C ASN C 71 10.81 24.68 -2.86
N MET C 72 10.60 25.37 -1.75
CA MET C 72 9.43 26.25 -1.57
C MET C 72 9.79 27.75 -1.37
N ASP C 73 11.07 28.07 -1.40
CA ASP C 73 11.47 29.48 -1.36
C ASP C 73 11.64 30.14 -2.74
N PHE C 74 10.68 31.00 -3.11
CA PHE C 74 10.68 31.74 -4.36
C PHE C 74 11.04 33.24 -4.23
N SER C 75 12.06 33.52 -3.42
CA SER C 75 12.43 34.90 -3.07
C SER C 75 13.55 35.45 -3.98
N ILE C 76 13.29 36.63 -4.57
CA ILE C 76 14.15 37.26 -5.60
C ILE C 76 14.80 38.60 -5.19
N ARG C 77 16.10 38.72 -5.51
CA ARG C 77 16.89 39.96 -5.36
C ARG C 77 16.96 40.79 -6.66
N ILE C 78 15.98 41.69 -6.89
CA ILE C 78 15.92 42.49 -8.14
C ILE C 78 17.16 43.37 -8.27
N THR C 82 16.25 52.30 -9.49
CA THR C 82 15.51 53.43 -10.12
C THR C 82 14.18 53.70 -9.44
N PRO C 83 13.81 55.00 -9.32
CA PRO C 83 12.41 55.38 -8.95
C PRO C 83 11.32 54.81 -9.89
N ALA C 84 11.69 54.57 -11.16
CA ALA C 84 10.81 53.89 -12.13
C ALA C 84 10.39 52.47 -11.69
N ASP C 85 11.21 51.79 -10.87
CA ASP C 85 10.88 50.47 -10.27
C ASP C 85 9.69 50.40 -9.28
N ALA C 86 9.26 51.54 -8.73
CA ALA C 86 8.17 51.58 -7.73
C ALA C 86 6.83 51.05 -8.25
N GLY C 87 6.08 50.40 -7.36
CA GLY C 87 4.85 49.69 -7.70
C GLY C 87 4.57 48.49 -6.81
N THR C 88 3.34 47.96 -6.98
CA THR C 88 2.90 46.73 -6.31
C THR C 88 3.42 45.52 -7.10
N TYR C 89 4.13 44.62 -6.42
CA TYR C 89 4.56 43.33 -6.98
C TYR C 89 3.71 42.16 -6.43
N TYR C 90 3.42 41.20 -7.31
CA TYR C 90 2.65 40.00 -7.00
C TYR C 90 3.46 38.79 -7.40
N CYS C 91 3.70 37.93 -6.43
CA CYS C 91 4.18 36.58 -6.65
C CYS C 91 2.95 35.80 -7.07
N VAL C 92 3.01 35.21 -8.26
CA VAL C 92 1.92 34.37 -8.73
C VAL C 92 2.48 32.94 -8.89
N LYS C 93 1.67 31.98 -8.45
CA LYS C 93 1.95 30.57 -8.59
C LYS C 93 1.20 30.21 -9.77
N PHE C 94 1.87 29.58 -10.73
CA PHE C 94 1.07 29.05 -11.86
C PHE C 94 0.92 27.54 -11.71
N ARG C 95 -0.21 26.98 -12.09
CA ARG C 95 -0.27 25.53 -12.37
C ARG C 95 -0.06 25.28 -13.86
N LYS C 96 0.64 24.19 -14.17
CA LYS C 96 0.88 23.80 -15.57
C LYS C 96 -0.36 23.71 -16.40
N GLY C 97 -0.28 24.23 -17.61
CA GLY C 97 -1.41 24.13 -18.55
C GLY C 97 -0.87 24.04 -19.94
N SER C 98 -1.76 23.87 -20.89
CA SER C 98 -1.43 23.86 -22.32
C SER C 98 -2.57 24.57 -23.11
N PRO C 99 -2.29 25.57 -23.93
CA PRO C 99 -0.93 25.95 -24.36
C PRO C 99 -0.12 26.69 -23.34
N ASP C 100 -0.78 27.36 -22.40
CA ASP C 100 -0.09 28.18 -21.43
C ASP C 100 -0.37 27.71 -20.02
N ASP C 101 0.48 28.11 -19.10
CA ASP C 101 0.22 27.88 -17.67
C ASP C 101 -0.95 28.76 -17.16
N VAL C 102 -1.38 28.55 -15.92
CA VAL C 102 -2.62 29.16 -15.39
C VAL C 102 -2.34 29.73 -14.02
N GLU C 103 -2.76 30.99 -13.83
CA GLU C 103 -2.67 31.68 -12.55
C GLU C 103 -3.36 30.79 -11.54
N PHE C 104 -2.65 30.43 -10.48
CA PHE C 104 -3.29 29.52 -9.50
C PHE C 104 -3.72 30.35 -8.32
N LYS C 105 -2.73 31.00 -7.73
CA LYS C 105 -2.85 31.71 -6.48
C LYS C 105 -1.78 32.78 -6.58
N SER C 106 -2.12 33.97 -6.11
CA SER C 106 -1.16 35.04 -5.97
C SER C 106 -1.22 35.53 -4.54
N GLY C 107 -0.07 35.89 -4.01
CA GLY C 107 -0.01 36.63 -2.77
C GLY C 107 -0.69 38.01 -2.77
N ALA C 108 -0.84 38.56 -1.57
CA ALA C 108 -1.67 39.76 -1.34
C ALA C 108 -1.04 41.07 -1.90
N GLY C 109 0.26 41.01 -2.18
CA GLY C 109 0.97 42.07 -2.91
C GLY C 109 2.05 42.64 -2.00
N THR C 110 3.04 43.29 -2.63
CA THR C 110 4.12 44.05 -1.94
C THR C 110 4.38 45.39 -2.68
N GLU C 111 4.32 46.50 -1.94
CA GLU C 111 4.58 47.84 -2.49
C GLU C 111 6.08 48.16 -2.42
N LEU C 112 6.73 48.16 -3.60
CA LEU C 112 8.09 48.72 -3.82
C LEU C 112 9.18 48.07 -2.95
N VAL D 2 2.75 4.16 -3.27
CA VAL D 2 2.97 5.08 -4.45
C VAL D 2 3.19 4.28 -5.72
N GLN D 3 2.18 4.22 -6.56
CA GLN D 3 2.27 3.43 -7.79
C GLN D 3 1.26 3.85 -8.84
N LEU D 4 1.48 3.37 -10.06
CA LEU D 4 0.55 3.47 -11.16
C LEU D 4 0.34 2.07 -11.69
N VAL D 5 -0.91 1.61 -11.74
CA VAL D 5 -1.26 0.26 -12.14
C VAL D 5 -2.09 0.37 -13.42
N GLN D 6 -1.57 -0.19 -14.51
CA GLN D 6 -2.15 -0.12 -15.84
C GLN D 6 -3.12 -1.29 -16.14
N SER D 7 -4.05 -1.08 -17.05
CA SER D 7 -4.88 -2.16 -17.59
C SER D 7 -3.99 -3.21 -18.32
N GLY D 8 -4.58 -4.39 -18.60
CA GLY D 8 -3.96 -5.47 -19.36
C GLY D 8 -3.66 -5.34 -20.85
N ALA D 9 -2.95 -6.35 -21.35
CA ALA D 9 -2.59 -6.35 -22.76
C ALA D 9 -3.82 -6.31 -23.65
N GLU D 10 -3.79 -5.49 -24.69
CA GLU D 10 -4.82 -5.40 -25.72
C GLU D 10 -4.31 -5.98 -27.07
N VAL D 11 -5.28 -6.52 -27.82
CA VAL D 11 -5.10 -7.06 -29.19
C VAL D 11 -6.22 -6.47 -30.04
N LYS D 12 -5.87 -5.59 -30.96
CA LYS D 12 -6.81 -4.83 -31.77
C LYS D 12 -6.58 -5.14 -33.23
N LYS D 13 -7.60 -4.84 -34.04
CA LYS D 13 -7.51 -4.94 -35.51
C LYS D 13 -7.23 -3.52 -36.03
N PRO D 14 -6.54 -3.40 -37.19
CA PRO D 14 -6.39 -2.08 -37.83
C PRO D 14 -7.73 -1.34 -38.00
N GLY D 15 -7.69 -0.02 -37.93
CA GLY D 15 -8.88 0.81 -37.89
C GLY D 15 -9.65 0.82 -36.56
N ALA D 16 -9.48 -0.18 -35.69
CA ALA D 16 -10.14 -0.16 -34.36
C ALA D 16 -9.55 0.90 -33.38
N SER D 17 -10.00 0.83 -32.14
CA SER D 17 -9.71 1.85 -31.12
C SER D 17 -9.24 1.16 -29.87
N VAL D 18 -8.35 1.81 -29.13
CA VAL D 18 -7.96 1.20 -27.84
C VAL D 18 -8.00 2.25 -26.73
N LYS D 19 -8.36 1.82 -25.54
CA LYS D 19 -8.37 2.68 -24.41
C LYS D 19 -7.56 2.02 -23.32
N VAL D 20 -6.52 2.70 -22.85
CA VAL D 20 -5.70 2.16 -21.72
C VAL D 20 -5.93 3.03 -20.51
N SER D 21 -6.05 2.37 -19.36
CA SER D 21 -6.23 3.03 -18.13
C SER D 21 -5.02 2.86 -17.20
N CYS D 22 -4.96 3.75 -16.26
CA CYS D 22 -3.84 3.81 -15.36
C CYS D 22 -4.34 4.39 -14.02
N LYS D 23 -4.32 3.56 -12.98
CA LYS D 23 -4.84 3.93 -11.65
C LYS D 23 -3.71 4.29 -10.73
N ALA D 24 -3.80 5.48 -10.16
CA ALA D 24 -2.77 5.99 -9.25
C ALA D 24 -3.18 5.72 -7.83
N SER D 25 -2.22 5.45 -6.95
CA SER D 25 -2.51 5.41 -5.51
C SER D 25 -1.28 5.89 -4.72
N GLY D 26 -1.50 6.30 -3.48
CA GLY D 26 -0.43 6.64 -2.57
C GLY D 26 0.11 8.06 -2.72
N TYR D 27 -0.59 8.89 -3.48
CA TYR D 27 -0.21 10.32 -3.59
C TYR D 27 -1.44 11.14 -4.01
N THR D 28 -1.35 12.46 -3.84
CA THR D 28 -2.42 13.35 -4.37
C THR D 28 -2.40 13.47 -5.91
N PHE D 29 -3.16 12.62 -6.56
CA PHE D 29 -3.28 12.50 -8.03
C PHE D 29 -3.42 13.78 -8.77
N ARG D 30 -4.28 14.63 -8.26
CA ARG D 30 -4.65 15.91 -8.91
C ARG D 30 -3.57 16.94 -8.78
N GLY D 31 -2.54 16.67 -7.98
CA GLY D 31 -1.41 17.58 -7.91
C GLY D 31 -0.47 17.61 -9.10
N TYR D 32 -0.53 16.59 -9.94
CA TYR D 32 0.49 16.38 -10.88
C TYR D 32 -0.06 16.21 -12.29
N GLY D 33 0.82 16.13 -13.26
CA GLY D 33 0.42 15.70 -14.59
C GLY D 33 0.58 14.22 -14.77
N ILE D 34 0.12 13.77 -15.93
CA ILE D 34 0.25 12.43 -16.41
C ILE D 34 0.64 12.49 -17.83
N SER D 35 1.65 11.68 -18.21
CA SER D 35 2.01 11.52 -19.60
C SER D 35 1.93 10.08 -19.99
N TRP D 36 1.83 9.89 -21.31
CA TRP D 36 1.89 8.61 -21.92
C TRP D 36 3.06 8.60 -22.85
N VAL D 37 3.77 7.47 -22.77
CA VAL D 37 4.96 7.24 -23.55
C VAL D 37 4.89 5.85 -24.06
N ARG D 38 5.18 5.66 -25.31
CA ARG D 38 5.16 4.27 -25.83
C ARG D 38 6.49 3.85 -26.40
N GLN D 39 6.68 2.54 -26.54
CA GLN D 39 7.90 2.02 -27.06
C GLN D 39 7.62 0.83 -27.94
N ALA D 40 7.86 0.96 -29.23
CA ALA D 40 7.63 -0.15 -30.15
C ALA D 40 8.77 -1.19 -29.94
N PRO D 41 8.58 -2.45 -30.40
CA PRO D 41 9.53 -3.52 -30.06
C PRO D 41 10.93 -3.23 -30.60
N GLY D 42 11.94 -3.26 -29.72
CA GLY D 42 13.32 -2.92 -30.09
C GLY D 42 13.63 -1.45 -30.31
N GLN D 43 12.72 -0.55 -29.92
CA GLN D 43 12.89 0.87 -30.21
C GLN D 43 13.07 1.69 -28.94
N GLY D 44 13.24 2.97 -29.13
CA GLY D 44 13.26 3.96 -28.12
C GLY D 44 11.90 4.51 -27.72
N LEU D 45 11.97 5.53 -26.88
CA LEU D 45 10.81 6.02 -26.15
C LEU D 45 10.24 7.15 -26.99
N GLU D 46 8.90 7.15 -27.16
CA GLU D 46 8.21 8.16 -27.96
C GLU D 46 7.13 8.76 -27.05
N TRP D 47 7.26 10.03 -26.84
CA TRP D 47 6.27 10.77 -26.07
C TRP D 47 4.92 10.97 -26.84
N MET D 48 3.80 10.68 -26.23
CA MET D 48 2.50 10.84 -26.89
C MET D 48 1.76 12.10 -26.47
N GLY D 49 1.77 12.37 -25.17
CA GLY D 49 1.06 13.55 -24.70
C GLY D 49 1.07 13.64 -23.19
N TRP D 50 0.53 14.75 -22.71
CA TRP D 50 0.46 15.10 -21.32
C TRP D 50 -0.94 15.60 -20.97
N ILE D 51 -1.38 15.34 -19.74
CA ILE D 51 -2.63 15.91 -19.24
C ILE D 51 -2.46 16.40 -17.81
N SER D 52 -2.98 17.60 -17.50
CA SER D 52 -3.04 18.14 -16.13
C SER D 52 -4.06 17.32 -15.41
N ALA D 53 -3.68 16.68 -14.30
CA ALA D 53 -4.67 16.05 -13.52
C ALA D 53 -5.59 17.07 -12.71
N TYR D 54 -5.17 18.34 -12.60
CA TYR D 54 -5.89 19.38 -11.87
C TYR D 54 -7.00 19.96 -12.76
N GLY D 55 -6.68 20.44 -13.96
CA GLY D 55 -7.64 21.06 -14.85
C GLY D 55 -7.92 20.44 -16.21
N GLY D 56 -7.34 19.28 -16.51
CA GLY D 56 -7.66 18.57 -17.75
C GLY D 56 -7.12 19.18 -19.02
N GLU D 57 -6.29 20.21 -18.93
CA GLU D 57 -5.61 20.72 -20.11
C GLU D 57 -4.64 19.64 -20.68
N THR D 58 -4.56 19.59 -22.01
CA THR D 58 -3.79 18.56 -22.70
C THR D 58 -2.91 19.12 -23.76
N ASN D 59 -1.93 18.33 -24.12
CA ASN D 59 -0.99 18.64 -25.18
C ASN D 59 -0.59 17.29 -25.76
N TYR D 60 -0.80 17.11 -27.06
CA TYR D 60 -0.52 15.83 -27.71
C TYR D 60 0.56 16.00 -28.75
N ALA D 61 1.33 14.94 -29.02
CA ALA D 61 2.36 15.02 -30.04
C ALA D 61 1.70 15.22 -31.41
N GLN D 62 2.34 16.02 -32.26
CA GLN D 62 1.73 16.43 -33.56
C GLN D 62 1.25 15.24 -34.34
N LYS D 63 2.13 14.25 -34.45
CA LYS D 63 1.87 13.00 -35.12
C LYS D 63 0.56 12.32 -34.74
N LEU D 64 0.12 12.45 -33.49
CA LEU D 64 -1.04 11.76 -33.00
C LEU D 64 -2.31 12.66 -32.85
N GLN D 65 -2.16 13.98 -32.94
CA GLN D 65 -3.31 14.90 -32.91
C GLN D 65 -4.36 14.39 -33.88
N GLY D 66 -5.55 14.17 -33.33
CA GLY D 66 -6.73 13.81 -34.08
C GLY D 66 -7.11 12.40 -33.82
N ARG D 67 -6.16 11.55 -33.44
CA ARG D 67 -6.45 10.13 -33.15
C ARG D 67 -6.39 9.84 -31.70
N VAL D 68 -5.77 10.70 -30.90
CA VAL D 68 -5.54 10.33 -29.50
C VAL D 68 -6.40 11.18 -28.55
N THR D 69 -6.89 10.59 -27.50
CA THR D 69 -7.55 11.38 -26.48
C THR D 69 -7.13 10.95 -25.09
N MET D 70 -6.71 11.89 -24.26
CA MET D 70 -6.35 11.56 -22.87
C MET D 70 -7.29 12.17 -21.88
N THR D 71 -7.81 11.37 -20.95
CA THR D 71 -8.61 11.93 -19.90
C THR D 71 -8.14 11.47 -18.53
N THR D 72 -8.60 12.18 -17.51
CA THR D 72 -8.53 11.73 -16.14
C THR D 72 -9.90 11.68 -15.44
N ASP D 73 -9.98 10.80 -14.45
CA ASP D 73 -11.11 10.73 -13.57
C ASP D 73 -10.60 10.97 -12.16
N THR D 74 -10.83 12.19 -11.68
CA THR D 74 -10.50 12.52 -10.31
C THR D 74 -11.18 11.69 -9.23
N SER D 75 -12.42 11.24 -9.45
CA SER D 75 -13.11 10.47 -8.45
C SER D 75 -12.37 9.19 -8.15
N THR D 76 -11.67 8.59 -9.13
CA THR D 76 -10.99 7.31 -8.93
C THR D 76 -9.45 7.46 -9.06
N SER D 77 -8.94 8.66 -9.28
CA SER D 77 -7.54 8.87 -9.52
C SER D 77 -7.04 7.99 -10.71
N THR D 78 -7.72 8.06 -11.86
CA THR D 78 -7.39 7.23 -12.99
C THR D 78 -7.14 8.11 -14.19
N ALA D 79 -6.19 7.68 -15.03
CA ALA D 79 -5.83 8.38 -16.24
C ALA D 79 -6.21 7.46 -17.33
N TYR D 80 -6.70 8.01 -18.42
CA TYR D 80 -7.05 7.19 -19.57
C TYR D 80 -6.44 7.73 -20.83
N MET D 81 -6.05 6.80 -21.68
CA MET D 81 -5.56 7.16 -23.03
C MET D 81 -6.33 6.33 -24.04
N GLU D 82 -6.98 7.03 -24.96
CA GLU D 82 -7.60 6.37 -26.09
C GLU D 82 -6.80 6.65 -27.32
N LEU D 83 -6.55 5.64 -28.12
CA LEU D 83 -6.01 5.95 -29.43
C LEU D 83 -6.85 5.30 -30.56
N ARG D 84 -7.15 6.07 -31.58
CA ARG D 84 -8.16 5.70 -32.60
C ARG D 84 -7.47 5.40 -33.95
N SER D 85 -8.20 4.71 -34.85
CA SER D 85 -7.75 4.40 -36.21
C SER D 85 -6.41 3.66 -36.16
N LEU D 86 -6.39 2.57 -35.40
CA LEU D 86 -5.15 1.89 -35.08
C LEU D 86 -4.50 1.28 -36.32
N ARG D 87 -3.20 1.51 -36.47
CA ARG D 87 -2.37 0.90 -37.51
C ARG D 87 -1.34 -0.06 -36.86
N SER D 88 -0.79 -0.95 -37.67
CA SER D 88 0.24 -1.97 -37.25
C SER D 88 1.45 -1.32 -36.48
N ASP D 89 1.86 -0.15 -36.89
CA ASP D 89 2.98 0.57 -36.25
C ASP D 89 2.59 1.28 -34.95
N ASP D 90 1.39 1.00 -34.41
CA ASP D 90 1.01 1.45 -33.09
C ASP D 90 1.28 0.31 -32.18
N THR D 91 1.81 -0.81 -32.69
CA THR D 91 2.16 -1.91 -31.84
C THR D 91 3.35 -1.49 -30.92
N ALA D 92 3.21 -1.64 -29.60
CA ALA D 92 4.17 -1.06 -28.62
C ALA D 92 3.67 -1.30 -27.26
N VAL D 93 4.56 -1.13 -26.28
CA VAL D 93 4.20 -1.11 -24.89
C VAL D 93 3.90 0.38 -24.67
N TYR D 94 2.82 0.64 -23.95
CA TYR D 94 2.33 1.98 -23.67
C TYR D 94 2.56 2.20 -22.19
N TYR D 95 3.34 3.24 -21.81
CA TYR D 95 3.47 3.61 -20.36
C TYR D 95 2.73 4.88 -19.95
N CYS D 96 2.16 4.81 -18.74
CA CYS D 96 1.68 5.91 -17.94
C CYS D 96 2.79 6.42 -17.07
N ALA D 97 3.03 7.72 -17.02
CA ALA D 97 3.90 8.26 -16.05
C ALA D 97 3.37 9.54 -15.36
N ARG D 98 3.58 9.64 -14.05
CA ARG D 98 3.42 10.86 -13.31
C ARG D 98 4.41 11.92 -13.78
N GLU D 99 3.89 13.04 -14.21
CA GLU D 99 4.72 14.20 -14.56
C GLU D 99 4.77 15.15 -13.37
N ALA D 100 5.97 15.29 -12.81
CA ALA D 100 6.12 15.87 -11.51
C ALA D 100 7.14 17.04 -11.38
N GLY D 101 7.58 17.62 -12.47
CA GLY D 101 8.57 18.72 -12.40
C GLY D 101 7.81 19.97 -12.03
N SER D 102 8.49 20.91 -11.40
CA SER D 102 7.93 22.17 -10.88
C SER D 102 7.65 23.19 -11.96
N SER D 103 8.69 23.52 -12.71
CA SER D 103 8.66 24.37 -13.88
C SER D 103 9.51 23.74 -15.03
N TRP D 104 9.62 22.41 -15.05
CA TRP D 104 10.09 21.63 -16.19
C TRP D 104 9.16 20.41 -16.23
N TYR D 105 9.34 19.56 -17.20
CA TYR D 105 8.62 18.34 -17.30
C TYR D 105 9.56 17.19 -17.06
N ASP D 106 9.18 16.29 -16.17
CA ASP D 106 9.87 15.01 -16.06
C ASP D 106 8.89 14.01 -15.44
N PHE D 107 9.32 12.75 -15.45
CA PHE D 107 8.49 11.59 -15.24
C PHE D 107 9.14 10.73 -14.19
N ASP D 108 8.72 10.90 -12.95
CA ASP D 108 9.39 10.34 -11.80
C ASP D 108 8.78 9.03 -11.29
N LEU D 109 7.63 8.66 -11.81
CA LEU D 109 6.87 7.46 -11.37
C LEU D 109 6.23 6.95 -12.60
N TRP D 110 6.43 5.68 -12.86
CA TRP D 110 6.03 5.05 -14.10
C TRP D 110 5.18 3.83 -13.84
N GLY D 111 4.16 3.59 -14.69
CA GLY D 111 3.41 2.34 -14.73
C GLY D 111 4.32 1.23 -15.28
N ARG D 112 3.87 -0.03 -15.19
CA ARG D 112 4.65 -1.19 -15.73
C ARG D 112 4.50 -1.40 -17.22
N GLY D 113 3.57 -0.68 -17.86
CA GLY D 113 3.42 -0.77 -19.29
C GLY D 113 2.28 -1.69 -19.68
N THR D 114 1.64 -1.38 -20.79
CA THR D 114 0.57 -2.19 -21.42
C THR D 114 0.92 -2.49 -22.86
N LEU D 115 0.98 -3.76 -23.22
CA LEU D 115 1.24 -4.12 -24.64
C LEU D 115 -0.06 -3.99 -25.42
N VAL D 116 -0.02 -3.23 -26.50
CA VAL D 116 -1.08 -3.11 -27.48
C VAL D 116 -0.51 -3.69 -28.77
N THR D 117 -1.15 -4.74 -29.30
CA THR D 117 -0.81 -5.36 -30.57
C THR D 117 -1.91 -5.07 -31.58
N VAL D 118 -1.55 -4.38 -32.65
CA VAL D 118 -2.50 -4.02 -33.69
C VAL D 118 -2.15 -4.83 -34.92
N SER D 119 -2.96 -5.81 -35.29
CA SER D 119 -2.77 -6.47 -36.61
C SER D 119 -4.01 -7.13 -37.17
N SER D 120 -3.93 -7.43 -38.48
CA SER D 120 -4.97 -8.12 -39.24
C SER D 120 -5.17 -9.52 -38.75
N ALA D 121 -4.09 -10.12 -38.30
CA ALA D 121 -4.10 -11.50 -37.83
C ALA D 121 -5.10 -11.74 -36.71
N SER D 122 -5.33 -13.01 -36.40
CA SER D 122 -6.27 -13.41 -35.37
C SER D 122 -5.59 -14.46 -34.53
N THR D 123 -5.96 -14.54 -33.26
CA THR D 123 -5.39 -15.49 -32.32
C THR D 123 -5.12 -16.86 -32.96
N LYS D 124 -3.91 -17.38 -32.77
CA LYS D 124 -3.53 -18.69 -33.31
C LYS D 124 -2.40 -19.24 -32.46
N GLY D 125 -2.53 -20.50 -32.06
CA GLY D 125 -1.49 -21.18 -31.31
C GLY D 125 -0.34 -21.51 -32.23
N PRO D 126 0.83 -21.83 -31.65
CA PRO D 126 2.00 -22.16 -32.44
C PRO D 126 1.97 -23.61 -32.92
N SER D 127 2.54 -23.85 -34.11
CA SER D 127 3.06 -25.19 -34.48
C SER D 127 4.46 -25.23 -33.89
N VAL D 128 4.84 -26.36 -33.28
CA VAL D 128 6.13 -26.48 -32.61
C VAL D 128 6.93 -27.58 -33.28
N PHE D 129 8.08 -27.22 -33.87
CA PHE D 129 8.92 -28.15 -34.65
C PHE D 129 10.25 -28.26 -33.96
N PRO D 130 10.92 -29.43 -34.10
CA PRO D 130 12.24 -29.61 -33.54
C PRO D 130 13.34 -29.09 -34.41
N LEU D 131 14.39 -28.59 -33.80
CA LEU D 131 15.71 -28.44 -34.39
C LEU D 131 16.51 -29.63 -33.82
N ALA D 132 16.50 -30.75 -34.53
CA ALA D 132 17.18 -31.98 -34.10
C ALA D 132 18.70 -31.81 -33.96
N PRO D 133 19.28 -32.29 -32.85
CA PRO D 133 20.68 -32.24 -32.40
C PRO D 133 21.74 -32.24 -33.52
N THR D 142 30.29 -30.94 -26.75
CA THR D 142 29.63 -29.65 -26.97
C THR D 142 28.81 -29.70 -28.26
N ALA D 143 27.58 -30.21 -28.13
CA ALA D 143 26.57 -30.20 -29.20
C ALA D 143 25.45 -29.16 -28.91
N ALA D 144 24.55 -28.95 -29.89
CA ALA D 144 23.41 -28.01 -29.76
C ALA D 144 22.12 -28.56 -30.38
N LEU D 145 20.99 -28.16 -29.81
CA LEU D 145 19.68 -28.61 -30.26
C LEU D 145 18.62 -27.57 -29.88
N GLY D 146 17.38 -27.76 -30.31
CA GLY D 146 16.40 -26.77 -29.95
C GLY D 146 15.02 -26.97 -30.49
N CYS D 147 14.29 -25.86 -30.52
CA CYS D 147 12.86 -25.89 -30.67
C CYS D 147 12.44 -24.61 -31.40
N LEU D 148 11.83 -24.81 -32.55
CA LEU D 148 11.37 -23.76 -33.41
C LEU D 148 9.90 -23.58 -33.13
N VAL D 149 9.52 -22.44 -32.54
CA VAL D 149 8.12 -22.17 -32.24
C VAL D 149 7.65 -21.19 -33.27
N LYS D 150 6.63 -21.57 -34.04
CA LYS D 150 6.37 -20.94 -35.32
C LYS D 150 4.90 -20.64 -35.51
N ASP D 151 4.64 -19.52 -36.18
CA ASP D 151 3.30 -19.16 -36.61
C ASP D 151 2.31 -19.10 -35.44
N TYR D 152 2.63 -18.27 -34.44
CA TYR D 152 1.66 -17.92 -33.40
C TYR D 152 1.34 -16.45 -33.42
N PHE D 153 0.23 -16.11 -32.78
CA PHE D 153 -0.19 -14.74 -32.57
C PHE D 153 -1.23 -14.70 -31.44
N PRO D 154 -1.11 -13.76 -30.49
CA PRO D 154 -0.07 -12.72 -30.48
C PRO D 154 1.06 -13.07 -29.52
N GLU D 155 2.01 -12.15 -29.36
CA GLU D 155 2.92 -12.20 -28.23
C GLU D 155 2.13 -12.20 -26.90
N PRO D 156 2.57 -12.94 -25.87
CA PRO D 156 3.85 -13.69 -25.83
C PRO D 156 3.68 -15.21 -25.78
N VAL D 157 4.79 -15.93 -26.00
CA VAL D 157 4.87 -17.37 -25.82
C VAL D 157 5.90 -17.58 -24.75
N THR D 158 5.84 -18.73 -24.09
CA THR D 158 6.91 -19.13 -23.16
C THR D 158 7.41 -20.56 -23.41
N VAL D 159 8.71 -20.74 -23.18
CA VAL D 159 9.42 -21.97 -23.49
C VAL D 159 10.23 -22.39 -22.28
N SER D 160 9.85 -23.53 -21.70
CA SER D 160 10.70 -24.24 -20.71
C SER D 160 11.32 -25.49 -21.34
N TRP D 161 12.43 -25.96 -20.76
CA TRP D 161 13.08 -27.20 -21.17
C TRP D 161 13.08 -28.21 -20.01
N ASN D 162 12.41 -29.34 -20.21
CA ASN D 162 12.23 -30.39 -19.18
C ASN D 162 11.58 -29.85 -17.91
N SER D 163 10.53 -29.05 -18.12
CA SER D 163 9.65 -28.52 -17.08
C SER D 163 10.37 -27.62 -16.08
N GLY D 164 11.28 -26.78 -16.60
CA GLY D 164 12.09 -25.88 -15.77
C GLY D 164 13.42 -26.43 -15.31
N ALA D 165 13.60 -27.76 -15.41
CA ALA D 165 14.78 -28.45 -14.86
C ALA D 165 16.07 -28.01 -15.53
N LEU D 166 16.12 -28.15 -16.85
CA LEU D 166 17.30 -27.78 -17.64
C LEU D 166 17.29 -26.26 -17.83
N THR D 167 18.25 -25.60 -17.19
CA THR D 167 18.39 -24.13 -17.23
C THR D 167 19.65 -23.65 -17.95
N SER D 168 20.79 -24.29 -17.66
CA SER D 168 22.13 -23.85 -18.10
C SER D 168 22.33 -23.88 -19.62
N GLY D 169 23.10 -22.89 -20.11
CA GLY D 169 23.32 -22.69 -21.55
C GLY D 169 22.09 -22.73 -22.45
N VAL D 170 20.94 -22.28 -21.94
CA VAL D 170 19.73 -22.16 -22.75
C VAL D 170 19.66 -20.73 -23.26
N HIS D 171 19.16 -20.57 -24.48
CA HIS D 171 19.01 -19.27 -25.11
C HIS D 171 17.69 -19.32 -25.84
N THR D 172 16.68 -18.66 -25.28
CA THR D 172 15.38 -18.48 -25.94
C THR D 172 15.41 -17.09 -26.57
N PHE D 173 15.17 -17.04 -27.88
CA PHE D 173 15.42 -15.85 -28.68
C PHE D 173 14.20 -14.93 -28.75
N PRO D 174 14.42 -13.60 -28.90
CA PRO D 174 13.29 -12.74 -29.17
C PRO D 174 12.55 -13.15 -30.43
N ALA D 175 11.23 -13.13 -30.37
CA ALA D 175 10.41 -13.44 -31.48
C ALA D 175 10.67 -12.43 -32.58
N VAL D 176 10.42 -12.87 -33.81
CA VAL D 176 10.50 -12.07 -34.99
C VAL D 176 9.07 -12.12 -35.52
N LEU D 177 8.62 -10.99 -36.04
CA LEU D 177 7.30 -10.88 -36.63
C LEU D 177 7.52 -11.17 -38.09
N GLN D 178 6.88 -12.20 -38.62
CA GLN D 178 7.02 -12.59 -40.05
C GLN D 178 6.13 -11.77 -40.97
N SER D 179 6.44 -11.81 -42.27
CA SER D 179 5.60 -11.20 -43.30
C SER D 179 4.16 -11.73 -43.27
N SER D 180 3.92 -12.90 -42.66
CA SER D 180 2.58 -13.43 -42.51
C SER D 180 1.72 -12.68 -41.46
N GLY D 181 2.35 -11.84 -40.64
CA GLY D 181 1.68 -11.24 -39.46
C GLY D 181 1.72 -12.14 -38.23
N LEU D 182 2.49 -13.22 -38.31
CA LEU D 182 2.56 -14.19 -37.24
C LEU D 182 4.02 -14.21 -36.81
N TYR D 183 4.25 -14.72 -35.59
CA TYR D 183 5.51 -14.57 -34.89
C TYR D 183 6.22 -15.89 -34.92
N SER D 184 7.54 -15.83 -34.87
CA SER D 184 8.30 -17.04 -34.74
C SER D 184 9.49 -16.80 -33.87
N LEU D 185 9.83 -17.78 -33.05
CA LEU D 185 11.07 -17.75 -32.29
C LEU D 185 11.65 -19.11 -32.21
N SER D 186 12.92 -19.16 -31.83
CA SER D 186 13.54 -20.42 -31.54
C SER D 186 14.20 -20.46 -30.14
N SER D 187 14.08 -21.57 -29.42
CA SER D 187 14.89 -21.82 -28.19
C SER D 187 15.93 -22.89 -28.47
N VAL D 188 17.19 -22.52 -28.31
CA VAL D 188 18.33 -23.41 -28.46
C VAL D 188 18.79 -23.89 -27.08
N VAL D 189 19.58 -24.96 -27.04
CA VAL D 189 20.20 -25.46 -25.79
C VAL D 189 21.49 -26.23 -26.10
N THR D 190 22.60 -25.73 -25.56
CA THR D 190 23.91 -26.33 -25.72
C THR D 190 24.11 -27.42 -24.66
N VAL D 191 23.88 -28.68 -25.03
CA VAL D 191 24.11 -29.86 -24.17
C VAL D 191 25.50 -30.50 -24.43
N PRO D 192 26.04 -31.19 -23.42
CA PRO D 192 27.27 -31.96 -23.62
C PRO D 192 27.05 -33.12 -24.64
N SER D 193 28.02 -33.28 -25.55
CA SER D 193 27.94 -34.22 -26.67
C SER D 193 27.73 -35.64 -26.13
N SER D 194 28.67 -36.06 -25.28
CA SER D 194 28.62 -37.36 -24.63
C SER D 194 27.64 -37.33 -23.46
N THR D 200 16.99 -37.44 -22.56
CA THR D 200 15.64 -37.05 -22.96
C THR D 200 15.40 -35.51 -22.89
N TYR D 201 14.90 -34.90 -23.98
CA TYR D 201 14.67 -33.44 -24.03
C TYR D 201 13.26 -33.13 -24.50
N ILE D 202 12.67 -32.07 -23.93
CA ILE D 202 11.27 -31.72 -24.18
C ILE D 202 11.01 -30.23 -23.98
N CYS D 203 11.02 -29.46 -25.07
CA CYS D 203 10.62 -28.05 -24.98
C CYS D 203 9.15 -27.97 -24.61
N ASN D 204 8.85 -27.08 -23.66
CA ASN D 204 7.49 -26.85 -23.18
C ASN D 204 7.05 -25.49 -23.63
N VAL D 205 6.16 -25.48 -24.61
CA VAL D 205 5.71 -24.23 -25.19
C VAL D 205 4.35 -23.91 -24.58
N ASN D 206 4.17 -22.67 -24.16
CA ASN D 206 2.89 -22.21 -23.66
C ASN D 206 2.52 -20.90 -24.31
N HIS D 207 1.33 -20.86 -24.92
CA HIS D 207 0.79 -19.68 -25.51
C HIS D 207 -0.53 -19.37 -24.82
N LYS D 208 -0.43 -18.50 -23.81
CA LYS D 208 -1.58 -18.14 -22.97
C LYS D 208 -2.73 -17.62 -23.83
N PRO D 209 -2.47 -16.63 -24.72
CA PRO D 209 -3.61 -16.03 -25.43
C PRO D 209 -4.52 -16.98 -26.22
N SER D 210 -4.01 -18.14 -26.68
CA SER D 210 -4.85 -19.14 -27.37
C SER D 210 -5.21 -20.35 -26.49
N ASN D 211 -4.97 -20.25 -25.17
CA ASN D 211 -5.09 -21.40 -24.27
C ASN D 211 -4.32 -22.64 -24.76
N THR D 212 -3.26 -22.40 -25.53
CA THR D 212 -2.53 -23.45 -26.23
C THR D 212 -1.19 -23.72 -25.53
N LYS D 213 -0.93 -25.00 -25.30
CA LYS D 213 0.28 -25.46 -24.65
C LYS D 213 0.66 -26.76 -25.33
N VAL D 214 1.91 -26.84 -25.77
CA VAL D 214 2.44 -27.99 -26.48
C VAL D 214 3.72 -28.44 -25.79
N ASP D 215 3.93 -29.76 -25.75
CA ASP D 215 5.19 -30.36 -25.29
C ASP D 215 5.71 -31.23 -26.43
N LYS D 216 6.92 -30.92 -26.91
CA LYS D 216 7.55 -31.67 -28.02
C LYS D 216 8.95 -32.08 -27.60
N LYS D 217 9.36 -33.30 -27.99
CA LYS D 217 10.71 -33.84 -27.70
C LYS D 217 11.60 -33.83 -28.95
N VAL D 218 12.72 -33.12 -28.87
CA VAL D 218 13.70 -33.07 -29.95
C VAL D 218 14.50 -34.38 -29.93
N GLU D 219 14.18 -35.30 -30.85
CA GLU D 219 14.82 -36.63 -30.91
C GLU D 219 16.12 -36.58 -31.73
N PRO D 220 17.20 -37.19 -31.21
CA PRO D 220 18.52 -37.03 -31.85
C PRO D 220 18.70 -37.95 -33.06
N ASP E 1 9.75 21.54 -33.32
CA ASP E 1 10.05 20.44 -32.35
C ASP E 1 11.53 20.39 -32.01
N ILE E 2 11.83 20.40 -30.72
CA ILE E 2 13.21 20.31 -30.24
C ILE E 2 13.71 18.87 -30.39
N GLN E 3 14.72 18.67 -31.24
CA GLN E 3 15.34 17.37 -31.52
C GLN E 3 16.41 17.15 -30.53
N MET E 4 16.43 15.96 -29.92
CA MET E 4 17.45 15.57 -28.96
C MET E 4 18.34 14.53 -29.64
N THR E 5 19.65 14.71 -29.57
CA THR E 5 20.60 13.82 -30.26
C THR E 5 21.58 13.25 -29.27
N GLN E 6 21.60 11.95 -29.16
CA GLN E 6 22.35 11.29 -28.12
C GLN E 6 23.53 10.62 -28.76
N SER E 7 24.70 10.80 -28.17
CA SER E 7 25.98 10.18 -28.67
C SER E 7 26.74 9.56 -27.48
N PRO E 8 27.43 8.44 -27.66
CA PRO E 8 27.30 7.56 -28.82
C PRO E 8 26.05 6.71 -28.64
N SER E 9 25.78 5.85 -29.61
CA SER E 9 24.61 4.95 -29.55
C SER E 9 24.90 3.73 -28.68
N SER E 10 26.17 3.33 -28.65
CA SER E 10 26.61 2.22 -27.81
C SER E 10 27.95 2.57 -27.19
N VAL E 11 28.14 2.16 -25.96
CA VAL E 11 29.40 2.33 -25.26
C VAL E 11 29.66 0.96 -24.73
N SER E 12 30.91 0.55 -24.77
CA SER E 12 31.35 -0.72 -24.22
C SER E 12 32.31 -0.37 -23.07
N ALA E 13 32.11 -1.04 -21.94
CA ALA E 13 32.95 -0.75 -20.78
C ALA E 13 32.98 -1.86 -19.77
N SER E 14 34.04 -1.84 -18.98
CA SER E 14 34.24 -2.85 -17.95
C SER E 14 33.83 -2.21 -16.64
N VAL E 15 33.49 -3.09 -15.72
CA VAL E 15 33.29 -2.72 -14.31
C VAL E 15 34.47 -1.86 -13.81
N GLY E 16 34.14 -0.71 -13.24
CA GLY E 16 35.11 0.25 -12.77
C GLY E 16 35.38 1.41 -13.70
N ASP E 17 35.08 1.30 -15.00
CA ASP E 17 35.31 2.46 -15.90
C ASP E 17 34.44 3.65 -15.56
N ARG E 18 34.87 4.80 -16.03
CA ARG E 18 34.07 6.01 -16.09
C ARG E 18 33.45 6.01 -17.49
N VAL E 19 32.14 6.29 -17.58
CA VAL E 19 31.49 6.42 -18.89
C VAL E 19 30.79 7.75 -18.96
N THR E 20 30.86 8.36 -20.12
CA THR E 20 30.24 9.63 -20.33
C THR E 20 29.38 9.58 -21.60
N ILE E 21 28.14 10.06 -21.50
CA ILE E 21 27.18 10.04 -22.59
C ILE E 21 26.74 11.46 -22.80
N THR E 22 26.43 11.84 -24.04
CA THR E 22 26.14 13.22 -24.32
C THR E 22 24.82 13.30 -25.05
N CYS E 23 24.18 14.45 -24.95
CA CYS E 23 22.90 14.74 -25.51
C CYS E 23 23.03 16.19 -25.96
N ARG E 24 22.54 16.49 -27.15
CA ARG E 24 22.56 17.85 -27.68
C ARG E 24 21.15 18.22 -28.11
N ALA E 25 20.65 19.35 -27.61
CA ALA E 25 19.37 19.86 -28.00
C ALA E 25 19.48 20.72 -29.27
N SER E 26 18.52 20.59 -30.17
CA SER E 26 18.52 21.38 -31.42
C SER E 26 18.37 22.90 -31.15
N GLN E 27 17.81 23.26 -29.99
CA GLN E 27 17.89 24.62 -29.46
C GLN E 27 17.91 24.62 -27.93
N GLY E 28 18.20 25.81 -27.38
CA GLY E 28 18.32 26.05 -25.93
C GLY E 28 17.12 25.56 -25.15
N ILE E 29 17.38 24.80 -24.09
CA ILE E 29 16.28 24.29 -23.23
C ILE E 29 16.60 24.58 -21.75
N SER E 30 17.14 25.77 -21.51
CA SER E 30 17.79 26.13 -20.25
C SER E 30 18.54 24.93 -19.69
N SER E 31 18.23 24.46 -18.49
CA SER E 31 18.94 23.30 -17.94
C SER E 31 17.90 22.14 -17.74
N TRP E 32 16.72 22.27 -18.35
CA TRP E 32 15.62 21.30 -18.19
C TRP E 32 15.78 20.02 -19.00
N LEU E 33 16.74 19.21 -18.57
CA LEU E 33 17.10 17.96 -19.22
C LEU E 33 17.09 16.88 -18.13
N ALA E 34 16.46 15.73 -18.43
CA ALA E 34 16.39 14.58 -17.53
C ALA E 34 16.98 13.39 -18.17
N TRP E 35 17.51 12.47 -17.35
CA TRP E 35 18.12 11.25 -17.85
C TRP E 35 17.39 10.05 -17.21
N TYR E 36 17.13 9.03 -18.00
CA TYR E 36 16.51 7.83 -17.57
C TYR E 36 17.38 6.65 -17.87
N GLN E 37 17.17 5.61 -17.10
CA GLN E 37 17.80 4.34 -17.32
C GLN E 37 16.70 3.34 -17.60
N GLN E 38 16.85 2.52 -18.60
CA GLN E 38 15.93 1.42 -18.79
C GLN E 38 16.70 0.10 -18.94
N LYS E 39 16.25 -0.92 -18.26
CA LYS E 39 16.67 -2.27 -18.47
C LYS E 39 15.59 -3.02 -19.22
N PRO E 40 15.95 -4.13 -19.91
CA PRO E 40 14.97 -4.99 -20.61
C PRO E 40 13.81 -5.40 -19.74
N GLY E 41 12.59 -5.33 -20.28
CA GLY E 41 11.35 -5.67 -19.53
C GLY E 41 10.87 -4.71 -18.44
N LYS E 42 11.45 -3.53 -18.37
CA LYS E 42 11.15 -2.62 -17.29
C LYS E 42 10.85 -1.25 -17.87
N ALA E 43 10.03 -0.54 -17.14
CA ALA E 43 9.74 0.84 -17.40
C ALA E 43 11.02 1.66 -17.24
N PRO E 44 11.12 2.79 -17.94
CA PRO E 44 12.32 3.61 -17.68
C PRO E 44 12.34 4.06 -16.23
N LYS E 45 13.49 4.52 -15.74
CA LYS E 45 13.49 5.09 -14.38
C LYS E 45 14.23 6.42 -14.37
N LEU E 46 13.71 7.43 -13.70
CA LEU E 46 14.33 8.74 -13.63
C LEU E 46 15.59 8.72 -12.74
N LEU E 47 16.74 9.06 -13.30
CA LEU E 47 18.00 9.19 -12.51
C LEU E 47 18.34 10.62 -12.15
N ILE E 48 18.34 11.49 -13.13
CA ILE E 48 18.74 12.92 -13.02
C ILE E 48 17.68 13.84 -13.64
N TYR E 49 17.39 14.98 -12.98
CA TYR E 49 16.54 16.00 -13.53
C TYR E 49 17.23 17.37 -13.43
N ALA E 50 16.68 18.38 -14.14
CA ALA E 50 17.31 19.71 -14.32
C ALA E 50 18.82 19.63 -14.51
N ALA E 51 19.21 18.72 -15.42
CA ALA E 51 20.57 18.58 -15.87
C ALA E 51 21.47 17.91 -14.85
N SER E 52 21.41 18.31 -13.58
CA SER E 52 22.39 17.83 -12.57
C SER E 52 21.86 17.40 -11.19
N ASN E 53 20.55 17.50 -10.97
CA ASN E 53 19.97 17.06 -9.70
C ASN E 53 19.68 15.55 -9.70
N LEU E 54 20.26 14.83 -8.75
CA LEU E 54 19.95 13.44 -8.52
C LEU E 54 18.61 13.26 -7.88
N GLN E 55 17.89 12.24 -8.31
CA GLN E 55 16.68 11.79 -7.56
C GLN E 55 17.14 11.07 -6.35
N SER E 56 16.37 11.20 -5.29
CA SER E 56 16.51 10.46 -4.02
C SER E 56 16.78 8.98 -4.24
N GLY E 57 17.85 8.49 -3.65
CA GLY E 57 18.18 7.04 -3.73
C GLY E 57 19.14 6.65 -4.86
N VAL E 58 19.33 7.54 -5.85
CA VAL E 58 20.12 7.21 -7.03
C VAL E 58 21.56 7.26 -6.55
N PRO E 59 22.40 6.28 -6.93
CA PRO E 59 23.79 6.31 -6.40
C PRO E 59 24.60 7.52 -6.86
N SER E 60 25.55 7.95 -6.04
CA SER E 60 26.43 9.11 -6.37
C SER E 60 27.38 8.82 -7.55
N ARG E 61 27.50 7.54 -7.93
CA ARG E 61 28.11 7.13 -9.20
C ARG E 61 27.68 7.90 -10.45
N PHE E 62 26.43 8.40 -10.44
CA PHE E 62 25.82 9.08 -11.57
C PHE E 62 25.88 10.54 -11.31
N SER E 63 26.09 11.36 -12.34
CA SER E 63 26.02 12.81 -12.23
C SER E 63 25.83 13.45 -13.60
N GLY E 64 25.42 14.69 -13.63
CA GLY E 64 25.06 15.26 -14.93
C GLY E 64 25.42 16.70 -14.96
N SER E 65 25.69 17.22 -16.16
CA SER E 65 26.10 18.61 -16.34
C SER E 65 25.55 19.14 -17.65
N GLY E 66 25.37 20.46 -17.72
CA GLY E 66 25.13 21.20 -18.93
C GLY E 66 24.06 22.26 -18.79
N SER E 67 24.06 23.17 -19.74
CA SER E 67 23.05 24.20 -19.87
C SER E 67 22.94 24.53 -21.35
N GLY E 68 21.83 25.15 -21.70
CA GLY E 68 21.56 25.52 -23.08
C GLY E 68 21.25 24.32 -23.97
N THR E 69 22.28 23.86 -24.69
CA THR E 69 22.11 22.81 -25.72
C THR E 69 22.92 21.55 -25.47
N ASP E 70 23.98 21.59 -24.67
CA ASP E 70 24.86 20.43 -24.54
C ASP E 70 24.87 19.99 -23.12
N PHE E 71 24.81 18.67 -22.97
CA PHE E 71 24.61 18.06 -21.68
C PHE E 71 25.33 16.75 -21.62
N THR E 72 25.60 16.32 -20.42
CA THR E 72 26.38 15.13 -20.21
C THR E 72 25.84 14.39 -18.99
N LEU E 73 25.86 13.07 -19.06
CA LEU E 73 25.62 12.16 -17.97
C LEU E 73 26.91 11.40 -17.80
N THR E 74 27.39 11.33 -16.56
CA THR E 74 28.57 10.55 -16.23
C THR E 74 28.22 9.45 -15.26
N ILE E 75 28.78 8.27 -15.49
CA ILE E 75 28.69 7.15 -14.56
C ILE E 75 30.12 6.73 -14.15
N SER E 76 30.50 7.08 -12.93
CA SER E 76 31.85 6.81 -12.41
C SER E 76 31.81 5.47 -11.75
N SER E 77 32.85 4.68 -12.01
CA SER E 77 33.00 3.36 -11.41
C SER E 77 31.75 2.52 -11.65
N LEU E 78 31.52 2.20 -12.92
CA LEU E 78 30.43 1.33 -13.37
C LEU E 78 30.33 0.03 -12.59
N GLN E 79 29.11 -0.39 -12.26
CA GLN E 79 28.87 -1.67 -11.64
C GLN E 79 27.95 -2.47 -12.51
N PRO E 80 27.90 -3.81 -12.33
CA PRO E 80 27.05 -4.66 -13.11
C PRO E 80 25.57 -4.18 -13.28
N GLU E 81 25.04 -3.44 -12.28
CA GLU E 81 23.66 -2.89 -12.26
C GLU E 81 23.46 -1.66 -13.14
N ASP E 82 24.55 -1.04 -13.57
CA ASP E 82 24.51 0.16 -14.36
C ASP E 82 24.55 -0.15 -15.84
N PHE E 83 24.59 -1.42 -16.22
CA PHE E 83 24.63 -1.77 -17.61
C PHE E 83 23.21 -1.73 -18.10
N ALA E 84 22.92 -0.83 -19.04
CA ALA E 84 21.51 -0.57 -19.43
C ALA E 84 21.48 0.42 -20.58
N THR E 85 20.27 0.81 -20.99
CA THR E 85 20.11 1.92 -21.94
C THR E 85 19.74 3.19 -21.21
N TYR E 86 20.22 4.31 -21.66
CA TYR E 86 19.96 5.58 -21.05
C TYR E 86 19.33 6.51 -22.08
N TYR E 87 18.25 7.20 -21.67
CA TYR E 87 17.59 8.13 -22.47
C TYR E 87 17.68 9.50 -21.84
N CYS E 88 18.03 10.51 -22.63
CA CYS E 88 17.72 11.89 -22.27
C CYS E 88 16.30 12.35 -22.75
N GLN E 89 15.87 13.47 -22.14
CA GLN E 89 14.58 13.99 -22.37
C GLN E 89 14.55 15.43 -22.01
N GLN E 90 14.13 16.22 -23.00
CA GLN E 90 13.92 17.63 -22.77
C GLN E 90 12.56 17.93 -22.18
N GLY E 91 12.62 18.86 -21.21
CA GLY E 91 11.51 19.23 -20.41
C GLY E 91 11.19 20.73 -20.36
N ALA E 92 11.76 21.48 -21.30
CA ALA E 92 11.49 22.92 -21.51
C ALA E 92 10.21 23.23 -22.13
N SER E 93 9.67 22.41 -23.01
CA SER E 93 8.40 22.73 -23.67
C SER E 93 7.85 21.58 -24.44
N PHE E 94 6.52 21.62 -24.62
CA PHE E 94 5.87 20.72 -25.53
C PHE E 94 6.31 20.92 -26.99
N PRO E 95 6.39 19.85 -27.80
CA PRO E 95 6.16 18.48 -27.36
C PRO E 95 7.40 17.98 -26.67
N ILE E 96 7.23 17.13 -25.66
CA ILE E 96 8.38 16.54 -24.92
C ILE E 96 9.05 15.59 -25.87
N THR E 97 10.37 15.60 -25.91
CA THR E 97 11.12 14.77 -26.80
C THR E 97 12.24 14.09 -26.04
N PHE E 98 12.50 12.84 -26.46
CA PHE E 98 13.48 11.97 -25.88
C PHE E 98 14.58 11.85 -26.93
N GLY E 99 15.81 11.51 -26.51
CA GLY E 99 16.86 11.19 -27.40
C GLY E 99 16.69 9.76 -27.79
N GLY E 100 17.52 9.31 -28.72
CA GLY E 100 17.45 7.97 -29.30
C GLY E 100 17.97 6.87 -28.43
N GLY E 101 18.74 7.18 -27.38
CA GLY E 101 19.10 6.14 -26.40
C GLY E 101 20.56 5.77 -26.63
N THR E 102 21.25 5.34 -25.57
CA THR E 102 22.68 4.97 -25.59
C THR E 102 22.70 3.72 -24.83
N LYS E 103 23.09 2.61 -25.44
CA LYS E 103 23.22 1.37 -24.69
C LYS E 103 24.63 1.16 -24.09
N VAL E 104 24.70 0.82 -22.80
CA VAL E 104 26.00 0.62 -22.10
C VAL E 104 26.15 -0.85 -21.82
N GLU E 105 27.10 -1.48 -22.50
CA GLU E 105 27.30 -2.92 -22.42
C GLU E 105 28.71 -3.24 -21.86
N ILE E 106 28.87 -4.50 -21.45
CA ILE E 106 30.05 -5.00 -20.78
C ILE E 106 31.13 -5.37 -21.82
N LYS E 107 32.19 -4.59 -21.85
CA LYS E 107 33.45 -5.00 -22.50
C LYS E 107 34.00 -6.31 -21.92
N ARG E 108 34.42 -7.20 -22.80
CA ARG E 108 35.16 -8.42 -22.44
C ARG E 108 36.13 -8.73 -23.60
N THR E 109 36.78 -9.89 -23.55
CA THR E 109 37.73 -10.33 -24.58
C THR E 109 36.94 -10.81 -25.80
N VAL E 110 37.52 -10.67 -26.99
CA VAL E 110 36.93 -11.23 -28.22
C VAL E 110 36.70 -12.73 -28.05
N ALA E 111 35.52 -13.21 -28.42
CA ALA E 111 35.21 -14.63 -28.42
C ALA E 111 34.41 -14.96 -29.69
N ALA E 112 34.80 -16.06 -30.35
CA ALA E 112 34.29 -16.41 -31.65
C ALA E 112 33.04 -17.22 -31.46
N PRO E 113 32.05 -17.08 -32.37
CA PRO E 113 30.84 -17.86 -32.23
C PRO E 113 31.02 -19.33 -32.60
N SER E 114 30.30 -20.20 -31.91
CA SER E 114 30.22 -21.60 -32.29
C SER E 114 28.99 -21.74 -33.20
N VAL E 115 29.22 -22.16 -34.45
CA VAL E 115 28.16 -22.17 -35.45
C VAL E 115 27.55 -23.54 -35.66
N PHE E 116 26.23 -23.58 -35.89
CA PHE E 116 25.44 -24.79 -36.12
C PHE E 116 24.36 -24.40 -37.14
N ILE E 117 23.98 -25.32 -38.04
CA ILE E 117 22.80 -25.13 -38.95
C ILE E 117 21.78 -26.20 -38.60
N PHE E 118 20.53 -26.02 -38.99
CA PHE E 118 19.44 -26.93 -38.65
C PHE E 118 18.49 -27.01 -39.83
N PRO E 119 18.32 -28.21 -40.42
CA PRO E 119 17.40 -28.30 -41.54
C PRO E 119 15.98 -28.28 -41.07
N PRO E 120 15.01 -28.01 -41.95
CA PRO E 120 13.61 -28.19 -41.60
C PRO E 120 13.30 -29.66 -41.34
N SER E 121 12.09 -29.93 -40.85
CA SER E 121 11.70 -31.29 -40.51
C SER E 121 10.45 -31.67 -41.28
N ASP E 122 10.27 -33.00 -41.46
CA ASP E 122 9.21 -33.56 -42.29
C ASP E 122 7.84 -33.02 -41.89
N GLU E 123 7.63 -32.86 -40.58
CA GLU E 123 6.39 -32.27 -40.05
C GLU E 123 6.20 -30.87 -40.61
N GLN E 124 7.25 -30.03 -40.54
CA GLN E 124 7.16 -28.68 -41.10
C GLN E 124 6.92 -28.73 -42.60
N LEU E 125 7.74 -29.53 -43.27
CA LEU E 125 7.61 -29.78 -44.71
C LEU E 125 6.22 -30.28 -45.11
N LYS E 126 5.59 -31.09 -44.27
CA LYS E 126 4.18 -31.48 -44.46
C LYS E 126 3.22 -30.27 -44.48
N SER E 127 3.58 -29.18 -43.78
CA SER E 127 2.81 -27.93 -43.82
C SER E 127 2.84 -27.21 -45.17
N GLY E 128 3.99 -27.24 -45.84
CA GLY E 128 4.22 -26.51 -47.11
C GLY E 128 5.20 -25.34 -47.03
N THR E 129 5.98 -25.28 -45.95
CA THR E 129 7.02 -24.26 -45.71
C THR E 129 8.26 -24.96 -45.14
N ALA E 130 9.42 -24.34 -45.30
CA ALA E 130 10.67 -24.87 -44.79
C ALA E 130 11.49 -23.77 -44.12
N SER E 131 11.98 -24.05 -42.92
CA SER E 131 12.81 -23.12 -42.17
C SER E 131 14.14 -23.76 -41.93
N VAL E 132 15.18 -23.06 -42.28
CA VAL E 132 16.53 -23.50 -42.11
C VAL E 132 17.06 -22.52 -41.09
N VAL E 133 17.57 -23.01 -39.97
CA VAL E 133 17.98 -22.12 -38.87
C VAL E 133 19.47 -22.24 -38.68
N CYS E 134 20.16 -21.10 -38.63
CA CYS E 134 21.58 -21.01 -38.26
C CYS E 134 21.72 -20.37 -36.87
N LEU E 135 22.52 -20.99 -35.98
CA LEU E 135 22.77 -20.52 -34.60
C LEU E 135 24.22 -20.12 -34.44
N LEU E 136 24.45 -18.85 -34.12
CA LEU E 136 25.75 -18.36 -33.70
C LEU E 136 25.68 -18.28 -32.19
N ASN E 137 26.33 -19.23 -31.51
CA ASN E 137 26.28 -19.30 -30.04
C ASN E 137 27.45 -18.64 -29.36
N ASN E 138 27.13 -17.92 -28.28
CA ASN E 138 28.06 -17.35 -27.29
C ASN E 138 29.26 -16.56 -27.82
N PHE E 139 29.00 -15.47 -28.53
CA PHE E 139 30.06 -14.58 -29.12
C PHE E 139 30.20 -13.16 -28.55
N TYR E 140 31.35 -12.55 -28.81
CA TYR E 140 31.59 -11.14 -28.48
C TYR E 140 32.66 -10.64 -29.44
N PRO E 141 32.57 -9.42 -30.00
CA PRO E 141 31.50 -8.43 -29.76
C PRO E 141 30.17 -8.73 -30.52
N ARG E 142 29.19 -7.83 -30.42
CA ARG E 142 27.81 -8.11 -30.93
C ARG E 142 27.81 -8.23 -32.45
N GLU E 143 28.63 -7.43 -33.12
CA GLU E 143 28.71 -7.40 -34.58
C GLU E 143 28.98 -8.78 -35.23
N ALA E 144 28.00 -9.32 -35.95
CA ALA E 144 28.16 -10.54 -36.77
C ALA E 144 27.33 -10.49 -38.06
N LYS E 145 27.99 -10.64 -39.22
CA LYS E 145 27.30 -10.77 -40.51
C LYS E 145 27.05 -12.26 -40.76
N VAL E 146 25.79 -12.63 -40.95
CA VAL E 146 25.37 -13.95 -41.40
C VAL E 146 24.86 -13.84 -42.82
N GLN E 147 25.38 -14.66 -43.73
CA GLN E 147 24.92 -14.68 -45.13
C GLN E 147 24.45 -16.10 -45.47
N TRP E 148 23.29 -16.21 -46.08
CA TRP E 148 22.75 -17.51 -46.44
C TRP E 148 23.09 -17.75 -47.89
N LYS E 149 23.45 -19.00 -48.22
CA LYS E 149 23.77 -19.43 -49.63
C LYS E 149 22.97 -20.70 -50.00
N VAL E 150 22.22 -20.68 -51.10
CA VAL E 150 21.45 -21.87 -51.59
C VAL E 150 21.99 -22.36 -52.96
N ASP E 151 22.68 -23.50 -52.96
CA ASP E 151 23.49 -24.03 -54.08
C ASP E 151 24.55 -23.01 -54.49
N ASN E 152 25.32 -22.56 -53.50
CA ASN E 152 26.32 -21.49 -53.66
C ASN E 152 25.82 -20.09 -54.07
N ALA E 153 24.50 -19.88 -54.19
CA ALA E 153 23.92 -18.56 -54.50
C ALA E 153 23.46 -17.75 -53.23
N LEU E 154 24.01 -16.53 -53.08
CA LEU E 154 23.67 -15.60 -51.98
C LEU E 154 22.19 -15.26 -51.91
N GLN E 155 21.60 -15.44 -50.71
CA GLN E 155 20.21 -15.14 -50.44
C GLN E 155 20.02 -13.72 -49.91
N SER E 156 18.89 -13.12 -50.25
CA SER E 156 18.61 -11.71 -49.89
C SER E 156 17.10 -11.54 -49.72
N GLY E 157 16.66 -10.99 -48.59
CA GLY E 157 15.23 -10.70 -48.36
C GLY E 157 14.37 -11.80 -47.76
N ASN E 158 14.94 -12.99 -47.58
CA ASN E 158 14.16 -14.18 -47.21
C ASN E 158 14.62 -14.82 -45.87
N SER E 159 15.43 -14.06 -45.11
CA SER E 159 15.83 -14.44 -43.75
C SER E 159 15.53 -13.37 -42.69
N GLN E 160 15.24 -13.82 -41.48
CA GLN E 160 15.14 -12.93 -40.34
C GLN E 160 16.00 -13.44 -39.20
N GLU E 161 16.35 -12.50 -38.34
CA GLU E 161 17.40 -12.65 -37.37
C GLU E 161 16.99 -12.01 -36.02
N SER E 162 17.36 -12.68 -34.92
CA SER E 162 17.15 -12.23 -33.56
C SER E 162 18.41 -12.50 -32.71
N VAL E 163 18.70 -11.55 -31.81
CA VAL E 163 19.85 -11.56 -30.90
C VAL E 163 19.34 -11.63 -29.45
N THR E 164 20.06 -12.33 -28.58
CA THR E 164 19.74 -12.35 -27.15
C THR E 164 20.40 -11.14 -26.51
N GLU E 165 19.93 -10.75 -25.33
CA GLU E 165 20.60 -9.72 -24.52
C GLU E 165 21.93 -10.32 -24.03
N GLN E 166 22.93 -9.49 -23.78
CA GLN E 166 24.18 -9.97 -23.25
C GLN E 166 23.98 -10.93 -22.05
N ASP E 167 24.72 -12.02 -22.03
CA ASP E 167 24.49 -13.11 -21.09
C ASP E 167 24.89 -12.72 -19.66
N SER E 168 24.09 -13.15 -18.69
CA SER E 168 24.40 -12.87 -17.26
C SER E 168 25.83 -13.32 -16.90
N LYS E 169 26.13 -14.61 -17.10
CA LYS E 169 27.39 -15.20 -16.64
C LYS E 169 28.63 -14.75 -17.45
N ASP E 170 28.58 -14.90 -18.79
CA ASP E 170 29.77 -14.73 -19.65
C ASP E 170 29.87 -13.42 -20.46
N SER E 171 28.83 -12.59 -20.44
CA SER E 171 28.89 -11.30 -21.12
C SER E 171 28.94 -11.43 -22.67
N THR E 172 28.36 -12.51 -23.19
CA THR E 172 28.40 -12.85 -24.60
C THR E 172 26.98 -12.83 -25.18
N TYR E 173 26.93 -12.91 -26.50
CA TYR E 173 25.68 -12.89 -27.25
C TYR E 173 25.52 -14.17 -28.04
N SER E 174 24.28 -14.53 -28.28
CA SER E 174 23.91 -15.54 -29.24
C SER E 174 22.95 -14.93 -30.26
N LEU E 175 22.88 -15.57 -31.44
CA LEU E 175 22.13 -15.09 -32.60
C LEU E 175 21.53 -16.31 -33.31
N SER E 176 20.24 -16.22 -33.61
CA SER E 176 19.55 -17.14 -34.46
C SER E 176 19.20 -16.39 -35.75
N SER E 177 19.37 -17.05 -36.90
CA SER E 177 18.87 -16.56 -38.18
C SER E 177 18.11 -17.69 -38.87
N THR E 178 16.94 -17.37 -39.39
CA THR E 178 16.03 -18.30 -40.04
C THR E 178 15.79 -17.90 -41.51
N LEU E 179 16.09 -18.84 -42.41
CA LEU E 179 15.77 -18.78 -43.84
C LEU E 179 14.43 -19.45 -44.09
N THR E 180 13.50 -18.75 -44.73
CA THR E 180 12.18 -19.31 -44.89
C THR E 180 11.96 -19.45 -46.40
N LEU E 181 11.58 -20.67 -46.84
CA LEU E 181 11.30 -20.98 -48.27
C LEU E 181 9.99 -21.75 -48.42
N SER E 182 9.37 -21.63 -49.59
CA SER E 182 8.33 -22.62 -49.99
C SER E 182 8.87 -24.07 -49.89
N LYS E 183 7.96 -25.01 -49.62
CA LYS E 183 8.21 -26.45 -49.78
C LYS E 183 8.70 -26.73 -51.22
N ALA E 184 7.88 -26.36 -52.19
CA ALA E 184 8.28 -26.42 -53.59
C ALA E 184 9.74 -26.02 -53.77
N ASP E 185 10.14 -24.83 -53.31
CA ASP E 185 11.47 -24.32 -53.64
C ASP E 185 12.57 -24.91 -52.79
N TYR E 186 12.30 -25.26 -51.54
CA TYR E 186 13.30 -25.98 -50.74
C TYR E 186 13.78 -27.24 -51.47
N GLU E 187 12.82 -27.94 -52.07
CA GLU E 187 13.06 -29.23 -52.73
C GLU E 187 13.58 -29.16 -54.18
N LYS E 188 13.72 -27.96 -54.76
CA LYS E 188 14.42 -27.76 -56.07
C LYS E 188 15.90 -27.43 -55.93
N HIS E 189 16.43 -27.34 -54.71
CA HIS E 189 17.80 -26.82 -54.52
C HIS E 189 18.43 -27.92 -53.68
N LYS E 190 19.76 -27.99 -53.53
CA LYS E 190 20.42 -29.10 -52.84
C LYS E 190 21.25 -28.81 -51.58
N VAL E 191 22.16 -27.83 -51.67
CA VAL E 191 23.09 -27.51 -50.59
C VAL E 191 22.68 -26.19 -49.87
N TYR E 192 22.51 -26.26 -48.54
CA TYR E 192 22.11 -25.10 -47.72
C TYR E 192 23.23 -24.77 -46.77
N ALA E 193 23.73 -23.54 -46.85
CA ALA E 193 24.90 -23.13 -46.07
C ALA E 193 24.73 -21.73 -45.45
N CYS E 194 25.22 -21.55 -44.21
CA CYS E 194 25.33 -20.21 -43.59
C CYS E 194 26.77 -19.83 -43.45
N GLU E 195 27.18 -18.68 -44.01
CA GLU E 195 28.52 -18.13 -43.79
C GLU E 195 28.48 -17.04 -42.72
N VAL E 196 29.36 -17.15 -41.73
CA VAL E 196 29.48 -16.24 -40.58
C VAL E 196 30.78 -15.44 -40.64
N THR E 197 30.68 -14.12 -40.62
CA THR E 197 31.82 -13.20 -40.52
C THR E 197 31.77 -12.57 -39.13
N HIS E 198 32.93 -12.34 -38.52
CA HIS E 198 33.03 -11.91 -37.09
C HIS E 198 34.49 -11.63 -36.69
N GLN E 199 34.70 -10.61 -35.85
CA GLN E 199 36.06 -10.19 -35.41
C GLN E 199 36.97 -11.24 -34.70
N GLY E 200 36.44 -12.45 -34.41
CA GLY E 200 37.16 -13.49 -33.70
C GLY E 200 37.30 -14.77 -34.50
N LEU E 201 37.12 -14.70 -35.81
CA LEU E 201 37.39 -15.82 -36.72
C LEU E 201 38.36 -15.30 -37.78
N SER E 202 39.45 -16.06 -38.01
CA SER E 202 40.43 -15.73 -39.07
C SER E 202 39.72 -15.66 -40.43
N SER E 203 39.06 -16.76 -40.80
CA SER E 203 38.27 -16.87 -42.02
C SER E 203 36.79 -17.08 -41.67
N PRO E 204 35.86 -16.54 -42.49
CA PRO E 204 34.43 -16.83 -42.40
C PRO E 204 34.00 -18.29 -42.34
N VAL E 205 33.68 -18.81 -41.15
CA VAL E 205 33.26 -20.21 -41.01
C VAL E 205 31.94 -20.44 -41.74
N THR E 206 31.78 -21.61 -42.35
CA THR E 206 30.54 -22.01 -43.02
C THR E 206 30.10 -23.34 -42.46
N LYS E 207 28.79 -23.57 -42.41
CA LYS E 207 28.23 -24.86 -42.02
C LYS E 207 27.10 -25.18 -43.00
N SER E 208 27.03 -26.43 -43.50
CA SER E 208 26.09 -26.78 -44.56
C SER E 208 25.40 -28.10 -44.36
N PHE E 209 24.40 -28.38 -45.16
CA PHE E 209 23.90 -29.73 -45.29
C PHE E 209 23.37 -29.91 -46.72
N ASN E 210 23.60 -31.11 -47.25
CA ASN E 210 23.01 -31.51 -48.50
C ASN E 210 21.81 -32.31 -48.08
N ARG E 211 20.74 -32.24 -48.85
CA ARG E 211 19.53 -32.99 -48.51
C ARG E 211 19.71 -34.50 -48.70
N GLU F 2 14.54 11.13 2.50
CA GLU F 2 13.36 12.04 2.75
C GLU F 2 13.33 12.68 4.18
N GLU F 3 14.47 12.60 4.93
CA GLU F 3 14.59 13.15 6.31
C GLU F 3 13.88 14.47 6.56
N LEU F 4 13.14 14.55 7.68
CA LEU F 4 12.50 15.79 8.14
C LEU F 4 13.49 16.95 8.32
N GLN F 5 13.05 18.14 7.93
CA GLN F 5 13.83 19.35 8.17
C GLN F 5 12.94 20.39 8.78
N VAL F 6 13.51 21.17 9.69
CA VAL F 6 12.82 22.29 10.31
C VAL F 6 13.28 23.55 9.56
N ILE F 7 12.38 24.19 8.83
CA ILE F 7 12.76 25.29 7.97
C ILE F 7 12.49 26.58 8.74
N GLN F 8 13.57 27.10 9.37
CA GLN F 8 13.55 28.43 9.99
C GLN F 8 14.01 29.45 8.93
N PRO F 9 13.05 30.03 8.16
CA PRO F 9 13.38 30.80 6.97
C PRO F 9 14.15 32.11 7.21
N ASP F 10 13.92 32.75 8.37
CA ASP F 10 14.48 34.08 8.69
C ASP F 10 15.66 33.95 9.64
N LYS F 11 16.80 34.48 9.19
CA LYS F 11 17.98 34.54 10.05
C LYS F 11 17.79 35.63 11.13
N SER F 12 16.82 36.54 10.92
CA SER F 12 16.64 37.73 11.76
C SER F 12 15.24 38.32 11.58
N VAL F 13 14.60 38.78 12.66
CA VAL F 13 13.20 39.27 12.61
C VAL F 13 13.05 40.72 13.11
N GLU F 19 4.99 45.74 20.02
CA GLU F 19 4.94 44.97 18.77
C GLU F 19 5.14 43.44 19.00
N THR F 20 4.44 42.63 18.19
CA THR F 20 4.42 41.14 18.27
C THR F 20 5.23 40.47 17.15
N ALA F 21 6.44 40.05 17.48
CA ALA F 21 7.32 39.32 16.56
C ALA F 21 6.84 37.89 16.23
N THR F 22 7.15 37.45 15.01
CA THR F 22 6.68 36.18 14.47
C THR F 22 7.91 35.29 14.19
N LEU F 23 7.96 34.15 14.88
CA LEU F 23 9.13 33.23 14.76
C LEU F 23 8.76 32.01 13.91
N ARG F 24 9.17 32.06 12.65
CA ARG F 24 8.66 31.15 11.62
C ARG F 24 9.35 29.81 11.53
N CYS F 25 8.47 28.80 11.45
CA CYS F 25 8.84 27.40 11.50
C CYS F 25 7.91 26.63 10.58
N THR F 26 8.49 25.62 9.94
CA THR F 26 7.77 24.77 9.01
C THR F 26 8.52 23.47 9.04
N ALA F 27 7.80 22.35 9.13
CA ALA F 27 8.45 21.04 9.06
C ALA F 27 8.18 20.48 7.69
N THR F 28 9.11 19.71 7.16
CA THR F 28 8.96 19.06 5.87
C THR F 28 8.23 17.70 5.94
N SER F 29 8.08 17.14 7.14
CA SER F 29 7.51 15.81 7.36
C SER F 29 6.82 15.77 8.72
N LEU F 30 5.89 14.81 8.84
CA LEU F 30 5.25 14.47 10.11
C LEU F 30 6.03 13.43 10.92
N ILE F 31 6.92 12.68 10.30
CA ILE F 31 7.58 11.57 10.97
C ILE F 31 9.11 11.90 11.14
N PRO F 32 9.77 11.38 12.18
CA PRO F 32 9.15 10.66 13.31
C PRO F 32 8.23 11.55 14.12
N VAL F 33 7.13 11.00 14.67
CA VAL F 33 6.16 11.84 15.35
C VAL F 33 6.72 12.40 16.65
N GLY F 34 6.18 13.51 17.08
CA GLY F 34 6.68 14.19 18.29
C GLY F 34 6.37 15.71 18.24
N PRO F 35 6.35 16.40 19.41
CA PRO F 35 5.96 17.79 19.47
C PRO F 35 7.02 18.81 18.93
N ILE F 36 6.58 19.97 18.52
CA ILE F 36 7.49 21.12 18.26
C ILE F 36 7.60 22.07 19.49
N GLN F 37 8.84 22.30 19.94
CA GLN F 37 9.16 23.19 21.08
C GLN F 37 10.07 24.35 20.60
N TRP F 38 10.00 25.49 21.29
CA TRP F 38 10.97 26.62 21.12
C TRP F 38 11.92 26.87 22.34
N PHE F 39 13.20 27.08 22.08
CA PHE F 39 14.16 27.53 23.10
C PHE F 39 14.77 28.86 22.68
N ARG F 40 15.05 29.74 23.64
CA ARG F 40 15.94 30.89 23.42
C ARG F 40 17.33 30.40 23.77
N GLY F 41 18.23 30.39 22.79
CA GLY F 41 19.57 29.89 22.99
C GLY F 41 19.59 28.37 22.95
N ALA F 42 20.72 27.77 23.33
CA ALA F 42 20.88 26.33 23.15
C ALA F 42 21.74 25.56 24.16
N GLY F 43 22.24 26.21 25.20
CA GLY F 43 23.18 25.53 26.10
C GLY F 43 22.42 24.77 27.16
N PRO F 44 23.12 24.26 28.18
CA PRO F 44 22.39 23.72 29.32
C PRO F 44 21.44 24.74 29.96
N GLY F 45 21.64 26.04 29.72
CA GLY F 45 20.75 27.09 30.24
C GLY F 45 19.64 27.56 29.34
N ARG F 46 19.44 26.92 28.19
CA ARG F 46 18.44 27.43 27.21
C ARG F 46 17.03 27.58 27.83
N GLU F 47 16.24 28.53 27.33
CA GLU F 47 14.91 28.85 27.91
C GLU F 47 13.71 28.56 27.02
N LEU F 48 12.88 27.62 27.48
CA LEU F 48 11.59 27.27 26.84
C LEU F 48 10.59 28.40 26.64
N ILE F 49 10.07 28.55 25.41
CA ILE F 49 9.16 29.62 24.95
C ILE F 49 7.76 29.18 24.45
N TYR F 50 7.70 28.00 23.84
CA TYR F 50 6.42 27.33 23.52
C TYR F 50 6.61 25.81 23.55
N ASN F 51 5.51 25.11 23.76
CA ASN F 51 5.50 23.63 23.74
C ASN F 51 4.13 23.27 23.19
N GLN F 52 4.14 22.53 22.10
CA GLN F 52 2.91 22.05 21.48
C GLN F 52 2.20 21.04 22.38
N LYS F 53 2.96 20.27 23.15
CA LYS F 53 2.42 19.10 23.89
C LYS F 53 1.68 19.46 25.19
N GLU F 54 2.18 20.46 25.91
CA GLU F 54 1.65 20.82 27.24
C GLU F 54 2.13 22.19 27.70
N GLY F 55 1.31 22.89 28.49
CA GLY F 55 1.65 24.19 29.04
C GLY F 55 0.69 25.28 28.66
N HIS F 56 0.93 26.46 29.21
CA HIS F 56 0.08 27.63 29.01
C HIS F 56 1.08 28.75 28.77
N PHE F 57 0.97 29.40 27.62
CA PHE F 57 1.96 30.36 27.15
C PHE F 57 1.18 31.59 26.73
N PRO F 58 0.77 32.42 27.71
CA PRO F 58 -0.16 33.53 27.40
C PRO F 58 0.45 34.58 26.45
N ARG F 59 1.78 34.71 26.50
CA ARG F 59 2.47 35.57 25.55
C ARG F 59 2.32 34.98 24.13
N VAL F 60 2.73 33.70 23.99
CA VAL F 60 2.85 33.04 22.67
C VAL F 60 1.52 32.60 22.10
N THR F 61 1.40 32.64 20.77
CA THR F 61 0.22 32.18 20.00
C THR F 61 0.60 31.56 18.65
N THR F 62 -0.24 30.66 18.12
CA THR F 62 0.11 29.91 16.91
C THR F 62 -0.79 30.33 15.75
N VAL F 63 -0.18 30.42 14.57
CA VAL F 63 -0.87 30.79 13.31
C VAL F 63 -1.82 29.68 12.89
N SER F 64 -1.33 28.44 12.91
CA SER F 64 -2.13 27.27 12.55
C SER F 64 -2.52 26.45 13.80
N ASP F 65 -3.66 25.77 13.69
CA ASP F 65 -4.18 24.80 14.66
C ASP F 65 -3.24 23.63 14.78
N LEU F 66 -2.41 23.62 15.81
CA LEU F 66 -1.43 22.56 15.96
C LEU F 66 -2.08 21.20 16.42
N THR F 67 -3.39 21.18 16.61
CA THR F 67 -4.06 19.97 17.05
C THR F 67 -4.42 19.04 15.89
N LYS F 68 -4.15 19.47 14.66
CA LYS F 68 -4.45 18.67 13.47
C LYS F 68 -3.27 17.79 13.16
N ARG F 69 -3.55 16.49 12.93
CA ARG F 69 -2.48 15.52 12.65
C ARG F 69 -1.58 15.90 11.45
N ASN F 70 -2.16 16.47 10.40
CA ASN F 70 -1.43 16.71 9.16
C ASN F 70 -0.73 18.08 9.02
N ASN F 71 -0.90 18.92 10.02
CA ASN F 71 -0.29 20.24 10.07
C ASN F 71 1.23 20.27 10.07
N MET F 72 1.83 21.05 9.19
CA MET F 72 3.30 21.26 9.19
C MET F 72 3.74 22.73 9.47
N ASP F 73 2.78 23.62 9.69
CA ASP F 73 3.13 24.99 10.08
C ASP F 73 3.19 25.21 11.61
N PHE F 74 4.42 25.38 12.13
CA PHE F 74 4.68 25.61 13.54
C PHE F 74 5.14 27.05 13.87
N SER F 75 4.46 28.02 13.25
CA SER F 75 4.86 29.43 13.33
C SER F 75 4.08 30.15 14.44
N ILE F 76 4.84 30.83 15.31
CA ILE F 76 4.31 31.48 16.54
C ILE F 76 4.45 33.02 16.59
N ARG F 77 3.36 33.67 17.03
CA ARG F 77 3.29 35.10 17.29
C ARG F 77 3.52 35.45 18.78
N ILE F 78 4.78 35.67 19.17
CA ILE F 78 5.20 35.89 20.56
C ILE F 78 4.75 37.21 21.24
N THR F 82 9.67 44.21 24.39
CA THR F 82 10.70 44.32 25.42
C THR F 82 12.08 43.93 24.90
N PRO F 83 13.08 44.77 25.16
CA PRO F 83 14.50 44.49 24.86
C PRO F 83 15.06 43.22 25.53
N ALA F 84 14.49 42.85 26.69
CA ALA F 84 14.82 41.59 27.36
C ALA F 84 14.54 40.32 26.51
N ASP F 85 13.59 40.41 25.56
CA ASP F 85 13.28 39.34 24.59
C ASP F 85 14.39 38.97 23.58
N ALA F 86 15.38 39.84 23.37
CA ALA F 86 16.43 39.62 22.35
C ALA F 86 17.27 38.37 22.62
N GLY F 87 17.68 37.71 21.52
CA GLY F 87 18.37 36.42 21.56
C GLY F 87 18.12 35.56 20.32
N THR F 88 18.90 34.47 20.28
CA THR F 88 18.72 33.41 19.26
C THR F 88 17.59 32.44 19.70
N TYR F 89 16.60 32.27 18.82
CA TYR F 89 15.54 31.28 19.00
C TYR F 89 15.72 30.06 18.08
N TYR F 90 15.39 28.87 18.61
CA TYR F 90 15.49 27.63 17.93
C TYR F 90 14.14 26.95 18.01
N CYS F 91 13.59 26.63 16.83
CA CYS F 91 12.49 25.69 16.66
C CYS F 91 13.15 24.32 16.77
N VAL F 92 12.72 23.53 17.75
CA VAL F 92 13.20 22.18 17.87
C VAL F 92 11.98 21.23 17.63
N LYS F 93 12.25 20.18 16.84
CA LYS F 93 11.30 19.11 16.59
C LYS F 93 11.69 18.10 17.58
N PHE F 94 10.73 17.63 18.38
CA PHE F 94 11.08 16.50 19.24
C PHE F 94 10.48 15.22 18.65
N ARG F 95 11.15 14.10 18.80
CA ARG F 95 10.49 12.80 18.61
C ARG F 95 10.06 12.25 19.99
N LYS F 96 8.92 11.59 20.01
CA LYS F 96 8.39 10.97 21.24
C LYS F 96 9.36 10.05 21.89
N GLY F 97 9.47 10.17 23.21
CA GLY F 97 10.33 9.27 23.95
C GLY F 97 9.73 9.05 25.29
N SER F 98 10.35 8.20 26.07
CA SER F 98 9.96 7.93 27.46
C SER F 98 11.26 7.76 28.31
N PRO F 99 11.44 8.47 29.41
CA PRO F 99 10.39 9.29 30.05
C PRO F 99 10.09 10.60 29.35
N ASP F 100 11.06 11.11 28.60
CA ASP F 100 10.90 12.42 27.99
C ASP F 100 11.06 12.33 26.50
N ASP F 101 10.56 13.33 25.81
CA ASP F 101 10.78 13.44 24.37
C ASP F 101 12.27 13.75 24.06
N VAL F 102 12.66 13.71 22.77
CA VAL F 102 14.06 13.76 22.35
C VAL F 102 14.20 14.75 21.22
N GLU F 103 15.21 15.62 21.35
CA GLU F 103 15.57 16.60 20.33
C GLU F 103 15.75 15.76 19.07
N PHE F 104 15.06 16.14 17.99
CA PHE F 104 15.27 15.40 16.76
C PHE F 104 16.16 16.21 15.85
N LYS F 105 15.66 17.40 15.55
CA LYS F 105 16.22 18.28 14.56
C LYS F 105 15.81 19.67 15.04
N SER F 106 16.74 20.60 14.93
CA SER F 106 16.47 21.98 15.17
C SER F 106 16.83 22.71 13.93
N GLY F 107 16.04 23.73 13.60
CA GLY F 107 16.48 24.71 12.67
C GLY F 107 17.76 25.49 13.06
N ALA F 108 18.29 26.20 12.07
CA ALA F 108 19.63 26.82 12.19
C ALA F 108 19.70 28.01 13.16
N GLY F 109 18.53 28.55 13.50
CA GLY F 109 18.39 29.57 14.54
C GLY F 109 17.82 30.83 13.91
N THR F 110 17.25 31.68 14.76
CA THR F 110 16.76 33.04 14.39
C THR F 110 17.16 34.03 15.50
N GLU F 111 17.84 35.12 15.10
CA GLU F 111 18.23 36.21 16.03
C GLU F 111 17.09 37.25 16.13
N LEU F 112 16.44 37.30 17.30
CA LEU F 112 15.53 38.40 17.66
C LEU F 112 16.37 39.65 18.09
N SER F 113 16.14 40.82 17.46
CA SER F 113 16.83 42.12 17.76
C SER F 113 15.93 43.12 18.49
#